data_7KVH
#
_entry.id   7KVH
#
_cell.length_a   152.944
_cell.length_b   94.815
_cell.length_c   93.174
_cell.angle_alpha   90.00
_cell.angle_beta   123.73
_cell.angle_gamma   90.00
#
_symmetry.space_group_name_H-M   'C 1 2 1'
#
loop_
_entity.id
_entity.type
_entity.pdbx_description
1 polymer 'Cytochrome P450 3A4'
2 non-polymer 'PROTOPORPHYRIN IX CONTAINING FE'
3 non-polymer 'tert-butyl [(2S)-1-{[(2R)-1-oxo-3-phenyl-1-{[3-(pyridin-3-yl)propyl]amino}propan-2-yl]sulfanyl}-3-phenylpropan-2-yl]carbamate'
4 water water
#
_entity_poly.entity_id   1
_entity_poly.type   'polypeptide(L)'
_entity_poly.pdbx_seq_one_letter_code
;MAYLYGTHSHGLFKKLGIPGPTPLPFLGNILSYHKGFCMFDMECHKKYGKVWGFYDGQQPVLAITDPDMIKTVLVKECYS
VFTNRRPFGPVGFMKSAISIAEDEEWKRLRSLLSPTFTSGKLKEMVPIIAQYGDVLVRNLRREAETGKPVTLKDVFGAYS
MDVITSTSFGVNIDSLNNPQDPFVENTKKLLRFDFLDPFFLSITVFPFLIPILEVLNICVFPREVTNFLRKSVKRMKESR
LEDTQKHRVDFLQLMIDSQNSKETESHKALSDLELVAQSIIFIFAGYETTSSVLSFIMYELATHPDVQQKLQEEIDAVLP
NKAPPTYDTVLQMEYLDMVVNETLRLFPIAMRLERVCKKDVEINGMFIPKGVVVMIPSYALHRDPKYWTEPEKFLPERFS
KKNKDNIDPYIYTPFGSGPRNCIGMRFALMNMKLALIRVLQNFSFKPCKETQIPLKLSLGGLLQPEKPVVLKVESRDGTV
SGAHHHH
;
_entity_poly.pdbx_strand_id   A,B
#
loop_
_chem_comp.id
_chem_comp.type
_chem_comp.name
_chem_comp.formula
HEM non-polymer 'PROTOPORPHYRIN IX CONTAINING FE' 'C34 H32 Fe N4 O4'
X5Y non-polymer 'tert-butyl [(2S)-1-{[(2R)-1-oxo-3-phenyl-1-{[3-(pyridin-3-yl)propyl]amino}propan-2-yl]sulfanyl}-3-phenylpropan-2-yl]carbamate' 'C31 H39 N3 O3 S'
#
# COMPACT_ATOMS: atom_id res chain seq x y z
N SER A 9 -31.46 -22.39 22.05
CA SER A 9 -30.27 -21.81 21.44
C SER A 9 -29.58 -20.86 22.41
N HIS A 10 -30.30 -20.44 23.45
CA HIS A 10 -29.74 -19.55 24.47
C HIS A 10 -28.93 -20.30 25.51
N GLY A 11 -28.69 -21.60 25.33
CA GLY A 11 -27.87 -22.37 26.23
C GLY A 11 -26.54 -22.74 25.62
N LEU A 12 -26.12 -21.98 24.61
CA LEU A 12 -24.85 -22.26 23.94
C LEU A 12 -23.67 -21.93 24.85
N PHE A 13 -23.67 -20.73 25.43
CA PHE A 13 -22.57 -20.34 26.32
C PHE A 13 -22.60 -21.09 27.64
N LYS A 14 -23.77 -21.57 28.07
CA LYS A 14 -23.82 -22.45 29.23
C LYS A 14 -23.14 -23.78 28.93
N LYS A 15 -23.27 -24.27 27.69
CA LYS A 15 -22.61 -25.51 27.30
C LYS A 15 -21.10 -25.34 27.24
N LEU A 16 -20.63 -24.22 26.69
CA LEU A 16 -19.20 -23.98 26.52
C LEU A 16 -18.52 -23.44 27.77
N GLY A 17 -19.27 -23.29 28.88
CA GLY A 17 -18.68 -22.75 30.09
C GLY A 17 -18.32 -21.28 30.01
N ILE A 18 -18.85 -20.55 29.03
CA ILE A 18 -18.56 -19.14 28.84
C ILE A 18 -19.56 -18.32 29.65
N PRO A 19 -19.11 -17.39 30.48
CA PRO A 19 -20.06 -16.59 31.28
C PRO A 19 -20.82 -15.57 30.43
N GLY A 20 -21.63 -14.74 31.09
CA GLY A 20 -22.42 -13.75 30.40
C GLY A 20 -23.77 -13.56 31.04
N PRO A 21 -24.45 -12.47 30.70
CA PRO A 21 -25.77 -12.21 31.29
C PRO A 21 -26.81 -13.20 30.80
N THR A 22 -27.72 -13.55 31.69
CA THR A 22 -28.77 -14.51 31.36
C THR A 22 -29.74 -13.90 30.36
N PRO A 23 -29.93 -14.54 29.20
CA PRO A 23 -30.82 -13.95 28.19
C PRO A 23 -32.29 -14.26 28.46
N LEU A 24 -33.15 -13.43 27.89
CA LEU A 24 -34.59 -13.59 27.93
C LEU A 24 -35.09 -14.27 26.67
N PRO A 25 -36.25 -14.92 26.72
CA PRO A 25 -36.78 -15.56 25.52
C PRO A 25 -37.03 -14.55 24.40
N PHE A 26 -36.63 -14.94 23.19
CA PHE A 26 -36.76 -14.10 21.98
C PHE A 26 -35.89 -12.89 22.06
N LEU A 27 -36.06 -12.07 23.09
CA LEU A 27 -35.26 -10.81 23.19
C LEU A 27 -33.79 -11.06 23.49
N GLY A 28 -33.47 -12.08 24.29
CA GLY A 28 -32.07 -12.32 24.64
C GLY A 28 -31.55 -11.32 25.65
N ASN A 29 -30.47 -10.62 25.31
CA ASN A 29 -29.86 -9.63 26.19
C ASN A 29 -29.98 -8.22 25.62
N ILE A 30 -30.99 -7.98 24.78
CA ILE A 30 -31.14 -6.67 24.16
C ILE A 30 -31.62 -5.63 25.17
N LEU A 31 -32.37 -6.06 26.19
CA LEU A 31 -32.91 -5.11 27.15
C LEU A 31 -31.83 -4.45 27.99
N SER A 32 -30.64 -5.05 28.05
CA SER A 32 -29.52 -4.42 28.74
C SER A 32 -28.91 -3.27 27.95
N TYR A 33 -29.37 -3.02 26.73
CA TYR A 33 -28.94 -1.88 25.93
C TYR A 33 -29.65 -0.59 26.31
N HIS A 34 -30.33 -0.56 27.46
CA HIS A 34 -31.03 0.65 27.86
C HIS A 34 -30.09 1.82 28.12
N LYS A 35 -28.82 1.54 28.38
CA LYS A 35 -27.80 2.58 28.51
C LYS A 35 -26.91 2.70 27.27
N GLY A 36 -27.03 1.77 26.33
CA GLY A 36 -26.26 1.81 25.10
C GLY A 36 -25.32 0.61 24.97
N PHE A 37 -24.67 0.56 23.80
CA PHE A 37 -23.69 -0.48 23.55
C PHE A 37 -22.51 -0.38 24.50
N CYS A 38 -22.04 0.84 24.75
CA CYS A 38 -20.79 1.04 25.48
C CYS A 38 -20.95 0.67 26.95
N MET A 39 -22.03 1.13 27.58
CA MET A 39 -22.24 0.83 28.99
C MET A 39 -22.45 -0.66 29.21
N PHE A 40 -23.13 -1.33 28.28
CA PHE A 40 -23.34 -2.77 28.41
C PHE A 40 -22.04 -3.54 28.29
N ASP A 41 -21.16 -3.15 27.36
CA ASP A 41 -19.90 -3.85 27.18
C ASP A 41 -18.95 -3.62 28.35
N MET A 42 -19.01 -2.44 28.99
CA MET A 42 -18.14 -2.17 30.13
C MET A 42 -18.63 -2.87 31.39
N GLU A 43 -19.94 -3.03 31.56
CA GLU A 43 -20.45 -3.77 32.71
C GLU A 43 -20.09 -5.25 32.60
N CYS A 44 -20.15 -5.81 31.40
CA CYS A 44 -19.82 -7.21 31.21
C CYS A 44 -18.31 -7.46 31.35
N HIS A 45 -17.50 -6.48 30.95
CA HIS A 45 -16.04 -6.65 31.04
C HIS A 45 -15.58 -6.69 32.50
N LYS A 46 -16.32 -6.03 33.40
CA LYS A 46 -15.93 -6.01 34.80
C LYS A 46 -16.48 -7.20 35.58
N LYS A 47 -17.67 -7.70 35.21
CA LYS A 47 -18.30 -8.80 35.94
C LYS A 47 -17.82 -10.16 35.50
N TYR A 48 -17.65 -10.39 34.20
CA TYR A 48 -17.36 -11.72 33.68
C TYR A 48 -15.89 -11.94 33.32
N GLY A 49 -15.10 -10.87 33.18
CA GLY A 49 -13.68 -11.02 32.97
C GLY A 49 -13.21 -10.83 31.54
N LYS A 50 -12.34 -11.72 31.07
CA LYS A 50 -11.72 -11.54 29.77
C LYS A 50 -12.62 -11.98 28.63
N VAL A 51 -13.49 -12.96 28.85
CA VAL A 51 -14.33 -13.53 27.80
C VAL A 51 -15.74 -13.69 28.34
N TRP A 52 -16.72 -13.17 27.62
CA TRP A 52 -18.12 -13.34 27.98
C TRP A 52 -18.96 -13.44 26.71
N GLY A 53 -20.19 -13.92 26.87
CA GLY A 53 -21.08 -14.09 25.73
C GLY A 53 -22.50 -13.69 26.02
N PHE A 54 -23.12 -12.97 25.08
CA PHE A 54 -24.52 -12.59 25.22
C PHE A 54 -25.28 -12.93 23.94
N TYR A 55 -26.54 -12.51 23.86
CA TYR A 55 -27.40 -12.84 22.72
C TYR A 55 -28.10 -11.59 22.23
N ASP A 56 -27.88 -11.24 20.97
CA ASP A 56 -28.65 -10.18 20.30
C ASP A 56 -29.90 -10.84 19.73
N GLY A 57 -30.84 -11.13 20.62
CA GLY A 57 -32.01 -11.95 20.28
C GLY A 57 -31.71 -13.44 20.46
N GLN A 58 -31.56 -14.15 19.34
CA GLN A 58 -31.09 -15.52 19.36
C GLN A 58 -29.68 -15.67 18.81
N GLN A 59 -29.15 -14.65 18.16
CA GLN A 59 -27.79 -14.66 17.64
C GLN A 59 -26.78 -14.62 18.78
N PRO A 60 -26.00 -15.68 19.00
CA PRO A 60 -24.99 -15.63 20.07
C PRO A 60 -23.81 -14.78 19.67
N VAL A 61 -23.37 -13.91 20.57
CA VAL A 61 -22.27 -13.00 20.33
C VAL A 61 -21.21 -13.26 21.40
N LEU A 62 -20.04 -13.70 20.96
CA LEU A 62 -18.91 -13.97 21.85
C LEU A 62 -17.98 -12.76 21.85
N ALA A 63 -17.75 -12.19 23.02
CA ALA A 63 -16.89 -11.03 23.18
C ALA A 63 -15.52 -11.47 23.65
N ILE A 64 -14.48 -11.02 22.94
CA ILE A 64 -13.10 -11.37 23.26
C ILE A 64 -12.34 -10.10 23.61
N THR A 65 -11.40 -10.24 24.55
CA THR A 65 -10.58 -9.12 24.97
C THR A 65 -9.09 -9.45 25.03
N ASP A 66 -8.69 -10.67 24.69
CA ASP A 66 -7.29 -11.04 24.75
C ASP A 66 -6.57 -10.58 23.49
N PRO A 67 -5.41 -9.93 23.62
CA PRO A 67 -4.71 -9.44 22.41
C PRO A 67 -4.35 -10.54 21.43
N ASP A 68 -3.89 -11.68 21.91
CA ASP A 68 -3.61 -12.80 21.00
C ASP A 68 -4.88 -13.34 20.39
N MET A 69 -5.99 -13.33 21.13
CA MET A 69 -7.26 -13.79 20.57
C MET A 69 -7.83 -12.78 19.58
N ILE A 70 -7.60 -11.49 19.82
CA ILE A 70 -8.05 -10.47 18.87
C ILE A 70 -7.19 -10.50 17.61
N LYS A 71 -5.88 -10.69 17.78
CA LYS A 71 -4.98 -10.77 16.63
C LYS A 71 -5.30 -11.98 15.76
N THR A 72 -5.75 -13.09 16.38
CA THR A 72 -6.09 -14.28 15.61
C THR A 72 -7.35 -14.07 14.79
N VAL A 73 -8.33 -13.35 15.35
CA VAL A 73 -9.59 -13.14 14.64
C VAL A 73 -9.45 -12.10 13.54
N LEU A 74 -8.74 -10.99 13.83
CA LEU A 74 -8.69 -9.87 12.90
C LEU A 74 -7.57 -10.00 11.87
N VAL A 75 -6.47 -10.67 12.20
CA VAL A 75 -5.31 -10.70 11.31
C VAL A 75 -5.04 -12.12 10.84
N LYS A 76 -4.85 -13.05 11.76
CA LYS A 76 -4.44 -14.40 11.43
C LYS A 76 -5.52 -15.16 10.65
N GLU A 77 -6.64 -15.43 11.31
CA GLU A 77 -7.71 -16.23 10.70
C GLU A 77 -8.76 -15.35 10.02
N CYS A 78 -8.30 -14.38 9.22
CA CYS A 78 -9.23 -13.48 8.55
C CYS A 78 -9.80 -14.12 7.29
N TYR A 79 -8.94 -14.43 6.31
CA TYR A 79 -9.41 -14.97 5.04
C TYR A 79 -10.03 -16.36 5.19
N SER A 80 -9.71 -17.08 6.26
CA SER A 80 -10.16 -18.46 6.38
C SER A 80 -11.43 -18.58 7.22
N VAL A 81 -11.53 -17.83 8.30
CA VAL A 81 -12.65 -18.00 9.24
C VAL A 81 -13.40 -16.69 9.43
N PHE A 82 -12.70 -15.66 9.92
CA PHE A 82 -13.34 -14.40 10.29
C PHE A 82 -13.11 -13.39 9.16
N THR A 83 -13.92 -13.52 8.12
CA THR A 83 -13.81 -12.69 6.92
C THR A 83 -14.91 -11.64 6.81
N ASN A 84 -16.14 -12.00 7.15
CA ASN A 84 -17.28 -11.11 6.98
C ASN A 84 -17.80 -10.63 8.33
N ARG A 85 -18.54 -9.52 8.29
CA ARG A 85 -19.13 -8.95 9.49
C ARG A 85 -20.55 -9.52 9.69
N ARG A 86 -21.23 -9.02 10.71
CA ARG A 86 -22.60 -9.43 10.97
C ARG A 86 -23.48 -9.04 9.79
N PRO A 87 -24.36 -9.93 9.31
CA PRO A 87 -25.23 -9.57 8.18
C PRO A 87 -26.16 -8.43 8.54
N PHE A 88 -26.02 -7.33 7.82
CA PHE A 88 -26.80 -6.11 8.06
C PHE A 88 -27.82 -5.95 6.93
N GLY A 89 -29.09 -5.95 7.28
CA GLY A 89 -30.15 -5.81 6.31
C GLY A 89 -31.44 -5.33 6.94
N PRO A 90 -32.44 -5.01 6.10
CA PRO A 90 -32.36 -5.06 4.64
C PRO A 90 -31.66 -3.85 4.04
N VAL A 91 -30.77 -4.08 3.08
CA VAL A 91 -30.00 -3.00 2.45
C VAL A 91 -30.29 -2.84 0.98
N GLY A 92 -30.97 -3.79 0.34
CA GLY A 92 -31.28 -3.64 -1.08
C GLY A 92 -30.03 -3.76 -1.92
N PHE A 93 -29.85 -2.81 -2.85
CA PHE A 93 -28.68 -2.83 -3.72
C PHE A 93 -27.40 -2.43 -3.00
N MET A 94 -27.50 -1.94 -1.75
CA MET A 94 -26.31 -1.61 -0.97
C MET A 94 -25.58 -2.83 -0.45
N LYS A 95 -26.05 -4.04 -0.75
CA LYS A 95 -25.34 -5.24 -0.36
C LYS A 95 -23.99 -5.37 -1.04
N SER A 96 -23.82 -4.71 -2.19
CA SER A 96 -22.56 -4.74 -2.91
CA SER A 96 -22.56 -4.74 -2.91
C SER A 96 -21.53 -3.77 -2.37
N ALA A 97 -21.85 -3.05 -1.30
CA ALA A 97 -20.89 -2.12 -0.71
C ALA A 97 -19.73 -2.88 -0.08
N ILE A 98 -18.55 -2.26 -0.11
CA ILE A 98 -17.35 -2.91 0.40
C ILE A 98 -17.46 -3.20 1.89
N SER A 99 -18.13 -2.32 2.63
CA SER A 99 -18.30 -2.54 4.07
C SER A 99 -19.28 -3.66 4.37
N ILE A 100 -20.12 -4.05 3.42
CA ILE A 100 -21.10 -5.11 3.62
C ILE A 100 -20.85 -6.33 2.75
N ALA A 101 -19.98 -6.23 1.74
CA ALA A 101 -19.72 -7.37 0.86
C ALA A 101 -19.09 -8.51 1.64
N GLU A 102 -19.28 -9.73 1.13
CA GLU A 102 -18.84 -10.94 1.82
C GLU A 102 -18.05 -11.83 0.88
N ASP A 103 -16.99 -12.44 1.41
CA ASP A 103 -16.24 -13.52 0.76
C ASP A 103 -15.61 -12.98 -0.52
N GLU A 104 -15.90 -13.54 -1.69
CA GLU A 104 -15.16 -13.19 -2.89
C GLU A 104 -15.50 -11.79 -3.40
N GLU A 105 -16.72 -11.33 -3.14
CA GLU A 105 -17.09 -9.99 -3.60
C GLU A 105 -16.31 -8.92 -2.85
N TRP A 106 -16.15 -9.06 -1.54
CA TRP A 106 -15.37 -8.11 -0.77
C TRP A 106 -13.90 -8.18 -1.16
N LYS A 107 -13.37 -9.38 -1.37
CA LYS A 107 -11.97 -9.53 -1.76
C LYS A 107 -11.68 -8.89 -3.10
N ARG A 108 -12.66 -8.89 -4.00
CA ARG A 108 -12.51 -8.20 -5.27
C ARG A 108 -12.65 -6.69 -5.12
N LEU A 109 -13.56 -6.25 -4.24
CA LEU A 109 -13.77 -4.82 -4.04
C LEU A 109 -12.68 -4.19 -3.18
N ARG A 110 -12.12 -4.94 -2.24
CA ARG A 110 -11.06 -4.40 -1.38
C ARG A 110 -9.82 -4.05 -2.19
N SER A 111 -9.36 -4.99 -3.01
CA SER A 111 -8.21 -4.74 -3.88
C SER A 111 -8.51 -3.71 -4.96
N LEU A 112 -9.79 -3.52 -5.30
CA LEU A 112 -10.16 -2.54 -6.30
C LEU A 112 -10.16 -1.11 -5.77
N LEU A 113 -10.25 -0.94 -4.46
CA LEU A 113 -10.34 0.38 -3.85
C LEU A 113 -9.14 0.72 -2.98
N SER A 114 -8.22 -0.22 -2.76
CA SER A 114 -7.03 0.08 -1.96
C SER A 114 -6.13 1.14 -2.58
N PRO A 115 -5.87 1.17 -3.90
CA PRO A 115 -5.04 2.25 -4.46
C PRO A 115 -5.65 3.63 -4.36
N THR A 116 -6.86 3.78 -3.81
CA THR A 116 -7.47 5.09 -3.69
C THR A 116 -6.75 5.95 -2.65
N PHE A 117 -6.24 5.34 -1.59
CA PHE A 117 -5.62 6.09 -0.51
C PHE A 117 -4.15 5.70 -0.30
N THR A 118 -3.36 5.71 -1.37
CA THR A 118 -1.94 5.42 -1.25
C THR A 118 -1.20 6.67 -0.78
N SER A 119 0.11 6.53 -0.61
CA SER A 119 0.92 7.68 -0.18
C SER A 119 0.99 8.74 -1.27
N GLY A 120 0.88 8.35 -2.53
CA GLY A 120 0.88 9.30 -3.62
C GLY A 120 -0.46 9.98 -3.82
N LYS A 121 -1.55 9.22 -3.67
CA LYS A 121 -2.88 9.80 -3.80
C LYS A 121 -3.15 10.79 -2.69
N LEU A 122 -2.81 10.44 -1.44
CA LEU A 122 -3.02 11.34 -0.33
C LEU A 122 -2.17 12.61 -0.46
N LYS A 123 -0.99 12.49 -1.04
CA LYS A 123 -0.14 13.67 -1.23
C LYS A 123 -0.68 14.56 -2.34
N GLU A 124 -1.43 14.00 -3.28
CA GLU A 124 -2.06 14.80 -4.33
C GLU A 124 -3.28 15.54 -3.81
N MET A 125 -3.93 15.04 -2.77
CA MET A 125 -5.14 15.65 -2.25
C MET A 125 -4.87 16.84 -1.34
N VAL A 126 -3.62 17.07 -0.92
CA VAL A 126 -3.32 18.15 0.01
C VAL A 126 -3.64 19.52 -0.56
N PRO A 127 -3.24 19.87 -1.80
CA PRO A 127 -3.64 21.18 -2.34
C PRO A 127 -5.13 21.33 -2.50
N ILE A 128 -5.87 20.23 -2.71
CA ILE A 128 -7.32 20.32 -2.82
C ILE A 128 -7.94 20.61 -1.46
N ILE A 129 -7.46 19.93 -0.41
CA ILE A 129 -7.98 20.17 0.94
C ILE A 129 -7.57 21.56 1.43
N ALA A 130 -6.40 22.04 1.01
CA ALA A 130 -5.94 23.35 1.45
C ALA A 130 -6.86 24.45 0.94
N GLN A 131 -7.54 24.24 -0.19
CA GLN A 131 -8.51 25.22 -0.68
C GLN A 131 -9.69 25.34 0.26
N TYR A 132 -10.26 24.19 0.66
CA TYR A 132 -11.41 24.21 1.57
C TYR A 132 -11.03 24.62 2.98
N GLY A 133 -9.74 24.53 3.33
CA GLY A 133 -9.32 25.01 4.64
C GLY A 133 -9.45 26.51 4.78
N ASP A 134 -9.16 27.25 3.71
CA ASP A 134 -9.31 28.70 3.75
C ASP A 134 -10.77 29.11 3.85
N VAL A 135 -11.66 28.35 3.19
CA VAL A 135 -13.08 28.62 3.31
C VAL A 135 -13.58 28.30 4.72
N LEU A 136 -13.00 27.27 5.35
CA LEU A 136 -13.37 26.95 6.72
C LEU A 136 -12.94 28.05 7.68
N VAL A 137 -11.75 28.60 7.48
CA VAL A 137 -11.27 29.68 8.34
C VAL A 137 -12.11 30.94 8.14
N ARG A 138 -12.54 31.19 6.90
CA ARG A 138 -13.38 32.35 6.63
C ARG A 138 -14.73 32.24 7.32
N ASN A 139 -15.38 31.09 7.19
CA ASN A 139 -16.68 30.89 7.83
C ASN A 139 -16.55 30.87 9.36
N LEU A 140 -15.44 30.34 9.88
CA LEU A 140 -15.22 30.40 11.32
C LEU A 140 -14.88 31.81 11.80
N ARG A 141 -14.51 32.70 10.87
CA ARG A 141 -14.19 34.08 11.26
C ARG A 141 -15.44 34.95 11.36
N ARG A 142 -16.48 34.63 10.59
CA ARG A 142 -17.74 35.36 10.72
C ARG A 142 -18.36 35.15 12.08
N GLU A 143 -18.49 33.88 12.50
CA GLU A 143 -19.01 33.56 13.83
C GLU A 143 -18.02 33.84 14.95
N ALA A 144 -16.83 34.34 14.64
CA ALA A 144 -15.85 34.73 15.64
C ALA A 144 -15.85 36.23 15.91
N GLU A 145 -15.95 37.05 14.86
CA GLU A 145 -16.06 38.50 15.05
C GLU A 145 -17.32 38.85 15.82
N THR A 146 -18.41 38.12 15.57
CA THR A 146 -19.63 38.24 16.35
C THR A 146 -19.55 37.14 17.41
N GLY A 147 -19.77 37.50 18.67
CA GLY A 147 -19.72 36.54 19.75
C GLY A 147 -20.90 35.59 19.71
N LYS A 148 -20.81 34.57 18.87
CA LYS A 148 -21.88 33.59 18.72
C LYS A 148 -21.29 32.20 18.88
N PRO A 149 -21.81 31.38 19.80
CA PRO A 149 -21.34 29.98 19.88
C PRO A 149 -21.61 29.24 18.58
N VAL A 150 -20.68 28.36 18.22
CA VAL A 150 -20.72 27.67 16.94
C VAL A 150 -21.04 26.20 17.17
N THR A 151 -22.02 25.69 16.44
CA THR A 151 -22.29 24.26 16.40
C THR A 151 -21.23 23.63 15.50
N LEU A 152 -20.22 23.02 16.12
CA LEU A 152 -19.07 22.52 15.36
C LEU A 152 -19.45 21.41 14.39
N LYS A 153 -20.48 20.63 14.71
CA LYS A 153 -20.90 19.57 13.81
C LYS A 153 -21.37 20.11 12.47
N ASP A 154 -21.93 21.33 12.47
CA ASP A 154 -22.40 21.92 11.22
C ASP A 154 -21.23 22.39 10.36
N VAL A 155 -20.31 23.16 10.95
CA VAL A 155 -19.24 23.76 10.16
C VAL A 155 -18.18 22.72 9.78
N PHE A 156 -18.03 21.66 10.58
CA PHE A 156 -17.08 20.61 10.23
C PHE A 156 -17.67 19.61 9.25
N GLY A 157 -18.98 19.38 9.30
CA GLY A 157 -19.60 18.49 8.34
C GLY A 157 -19.61 19.06 6.94
N ALA A 158 -19.79 20.38 6.81
CA ALA A 158 -19.71 21.02 5.51
C ALA A 158 -18.30 20.97 4.95
N TYR A 159 -17.30 21.16 5.82
CA TYR A 159 -15.91 21.01 5.39
C TYR A 159 -15.61 19.57 5.01
N SER A 160 -16.11 18.61 5.79
CA SER A 160 -15.88 17.20 5.49
C SER A 160 -16.57 16.78 4.20
N MET A 161 -17.71 17.39 3.89
CA MET A 161 -18.40 17.08 2.63
C MET A 161 -17.68 17.68 1.43
N ASP A 162 -17.08 18.86 1.62
CA ASP A 162 -16.31 19.49 0.54
C ASP A 162 -15.08 18.65 0.19
N VAL A 163 -14.38 18.15 1.20
CA VAL A 163 -13.12 17.44 0.96
C VAL A 163 -13.37 16.10 0.29
N ILE A 164 -14.33 15.33 0.80
CA ILE A 164 -14.52 13.96 0.33
C ILE A 164 -15.16 13.93 -1.06
N THR A 165 -15.93 14.96 -1.43
CA THR A 165 -16.54 14.97 -2.75
C THR A 165 -15.56 15.44 -3.82
N SER A 166 -14.59 16.27 -3.47
CA SER A 166 -13.62 16.76 -4.44
C SER A 166 -12.49 15.76 -4.65
N THR A 167 -11.99 15.17 -3.56
CA THR A 167 -10.88 14.23 -3.65
C THR A 167 -11.31 12.86 -4.19
N SER A 168 -12.60 12.59 -4.25
CA SER A 168 -13.09 11.32 -4.76
C SER A 168 -13.82 11.43 -6.09
N PHE A 169 -14.35 12.60 -6.42
CA PHE A 169 -15.08 12.80 -7.67
C PHE A 169 -14.62 14.01 -8.47
N GLY A 170 -13.91 14.96 -7.88
CA GLY A 170 -13.48 16.13 -8.59
C GLY A 170 -14.54 17.17 -8.81
N VAL A 171 -15.65 17.10 -8.08
CA VAL A 171 -16.77 18.02 -8.25
C VAL A 171 -16.90 18.88 -7.00
N ASN A 172 -17.16 20.16 -7.19
CA ASN A 172 -17.39 21.11 -6.11
C ASN A 172 -18.89 21.37 -5.98
N ILE A 173 -19.49 20.82 -4.94
CA ILE A 173 -20.93 20.96 -4.70
C ILE A 173 -21.23 22.10 -3.72
N ASP A 174 -20.57 22.09 -2.57
CA ASP A 174 -20.73 23.17 -1.60
C ASP A 174 -19.80 24.33 -1.97
N SER A 175 -20.33 25.55 -1.92
CA SER A 175 -19.61 26.74 -2.38
C SER A 175 -20.01 27.92 -1.50
N LEU A 176 -19.03 28.44 -0.74
CA LEU A 176 -19.18 29.58 0.18
C LEU A 176 -20.08 29.31 1.38
N ASN A 177 -20.75 28.15 1.40
CA ASN A 177 -21.88 27.82 2.30
C ASN A 177 -23.00 28.83 2.07
N ASN A 178 -24.17 28.42 1.54
CA ASN A 178 -24.74 27.06 1.47
C ASN A 178 -24.82 26.35 2.84
N PRO A 179 -25.63 26.88 3.74
CA PRO A 179 -26.00 26.14 4.95
C PRO A 179 -27.21 25.21 4.77
N GLN A 180 -27.70 25.08 3.54
CA GLN A 180 -28.80 24.19 3.20
C GLN A 180 -28.41 23.32 2.01
N ASP A 181 -27.14 22.92 1.97
CA ASP A 181 -26.66 22.06 0.89
C ASP A 181 -27.37 20.71 0.93
N PRO A 182 -27.79 20.18 -0.22
CA PRO A 182 -28.57 18.93 -0.19
C PRO A 182 -27.76 17.72 0.23
N PHE A 183 -26.48 17.65 -0.14
CA PHE A 183 -25.67 16.48 0.19
C PHE A 183 -25.58 16.27 1.69
N VAL A 184 -25.26 17.33 2.44
CA VAL A 184 -25.17 17.20 3.89
C VAL A 184 -26.54 16.88 4.49
N GLU A 185 -27.60 17.45 3.92
CA GLU A 185 -28.93 17.23 4.47
C GLU A 185 -29.46 15.83 4.14
N ASN A 186 -29.04 15.25 3.03
CA ASN A 186 -29.44 13.89 2.69
C ASN A 186 -28.54 12.83 3.30
N THR A 187 -27.24 13.13 3.46
CA THR A 187 -26.32 12.16 4.03
C THR A 187 -26.50 12.03 5.54
N LYS A 188 -26.91 13.10 6.21
CA LYS A 188 -27.13 13.04 7.65
C LYS A 188 -28.33 12.19 8.03
N LYS A 189 -29.27 12.00 7.10
CA LYS A 189 -30.43 11.14 7.33
C LYS A 189 -30.35 9.85 6.53
N LEU A 190 -29.15 9.48 6.08
CA LEU A 190 -28.99 8.23 5.34
C LEU A 190 -29.26 7.03 6.22
N LEU A 191 -28.82 7.07 7.47
CA LEU A 191 -29.05 5.98 8.41
C LEU A 191 -28.93 6.54 9.83
N ARG A 192 -30.06 6.57 10.54
CA ARG A 192 -30.11 7.04 11.93
C ARG A 192 -30.61 5.88 12.78
N PHE A 193 -29.69 4.99 13.14
CA PHE A 193 -30.03 3.82 13.93
C PHE A 193 -30.46 4.24 15.34
N ASP A 194 -31.66 3.82 15.73
CA ASP A 194 -32.16 4.09 17.07
C ASP A 194 -32.90 2.86 17.60
N PHE A 195 -32.71 2.57 18.89
CA PHE A 195 -33.44 1.48 19.53
C PHE A 195 -34.88 1.88 19.84
N LEU A 196 -35.07 3.12 20.30
CA LEU A 196 -36.42 3.61 20.60
C LEU A 196 -37.32 3.56 19.37
N ASP A 197 -36.75 3.61 18.18
CA ASP A 197 -37.47 3.26 16.96
C ASP A 197 -37.62 1.75 16.90
N PRO A 198 -38.85 1.21 16.83
CA PRO A 198 -39.03 -0.25 16.78
C PRO A 198 -38.33 -1.01 15.68
N PHE A 199 -38.49 -0.57 14.43
CA PHE A 199 -37.97 -1.20 13.21
C PHE A 199 -36.59 -1.85 13.42
N PHE A 200 -35.64 -1.09 13.96
CA PHE A 200 -34.31 -1.66 14.23
C PHE A 200 -34.33 -2.59 15.43
N LEU A 201 -35.01 -2.17 16.49
CA LEU A 201 -35.16 -3.02 17.66
C LEU A 201 -36.07 -4.19 17.26
N SER A 202 -36.76 -4.04 16.14
CA SER A 202 -37.66 -5.08 15.63
C SER A 202 -36.82 -6.16 14.97
N ILE A 203 -35.82 -5.72 14.21
CA ILE A 203 -34.86 -6.62 13.60
C ILE A 203 -33.76 -6.62 14.65
N THR A 204 -32.53 -6.97 14.25
CA THR A 204 -31.41 -6.99 15.18
C THR A 204 -31.67 -8.17 16.08
N VAL A 205 -32.75 -8.10 16.86
CA VAL A 205 -33.12 -9.17 17.77
C VAL A 205 -33.63 -10.40 17.02
N PHE A 206 -34.39 -10.16 15.95
CA PHE A 206 -34.94 -11.24 15.14
C PHE A 206 -34.43 -11.23 13.72
N PRO A 207 -33.86 -12.41 13.27
CA PRO A 207 -33.37 -12.37 11.88
C PRO A 207 -34.30 -12.97 10.84
N PHE A 208 -35.34 -13.66 11.29
CA PHE A 208 -36.38 -14.16 10.41
C PHE A 208 -37.32 -13.06 9.94
N LEU A 209 -36.76 -11.91 9.61
CA LEU A 209 -37.55 -10.77 9.15
C LEU A 209 -36.71 -9.85 8.25
N ILE A 210 -35.74 -10.43 7.57
CA ILE A 210 -34.87 -9.68 6.67
C ILE A 210 -35.20 -9.98 5.21
N PRO A 211 -35.43 -11.25 4.91
CA PRO A 211 -35.76 -11.67 3.54
C PRO A 211 -37.15 -11.27 3.09
N ILE A 212 -38.07 -11.01 4.01
CA ILE A 212 -39.38 -10.48 3.63
C ILE A 212 -39.22 -9.04 3.15
N LEU A 213 -38.51 -8.23 3.93
CA LEU A 213 -38.34 -6.81 3.59
C LEU A 213 -37.54 -6.64 2.30
N GLU A 214 -36.67 -7.60 1.98
CA GLU A 214 -35.90 -7.51 0.74
C GLU A 214 -36.80 -7.64 -0.49
N VAL A 215 -37.80 -8.53 -0.42
CA VAL A 215 -38.73 -8.70 -1.55
C VAL A 215 -39.76 -7.59 -1.62
N LEU A 216 -39.89 -6.78 -0.57
CA LEU A 216 -40.77 -5.62 -0.59
C LEU A 216 -40.06 -4.35 -1.00
N ASN A 217 -38.79 -4.44 -1.41
CA ASN A 217 -37.92 -3.30 -1.68
C ASN A 217 -37.78 -2.39 -0.47
N ILE A 218 -38.03 -2.92 0.73
CA ILE A 218 -37.87 -2.15 1.96
C ILE A 218 -36.40 -2.17 2.36
N CYS A 219 -35.86 -0.98 2.63
CA CYS A 219 -34.44 -0.84 2.96
C CYS A 219 -34.29 0.01 4.22
N VAL A 220 -33.17 -0.22 4.93
CA VAL A 220 -32.88 0.58 6.11
C VAL A 220 -32.59 2.03 5.76
N PHE A 221 -32.18 2.29 4.51
CA PHE A 221 -31.98 3.66 4.05
C PHE A 221 -33.22 4.14 3.33
N PRO A 222 -33.69 5.36 3.59
CA PRO A 222 -34.92 5.84 2.93
C PRO A 222 -34.71 6.01 1.43
N ARG A 223 -35.80 5.81 0.68
CA ARG A 223 -35.73 5.91 -0.77
C ARG A 223 -35.38 7.32 -1.22
N GLU A 224 -35.74 8.34 -0.43
CA GLU A 224 -35.44 9.72 -0.81
C GLU A 224 -33.95 9.96 -0.91
N VAL A 225 -33.17 9.45 0.05
CA VAL A 225 -31.73 9.68 0.03
C VAL A 225 -31.02 8.72 -0.92
N THR A 226 -31.61 7.58 -1.23
CA THR A 226 -30.97 6.64 -2.15
C THR A 226 -31.23 7.02 -3.60
N ASN A 227 -32.47 7.41 -3.93
CA ASN A 227 -32.77 7.86 -5.28
C ASN A 227 -32.03 9.14 -5.63
N PHE A 228 -31.75 9.99 -4.64
CA PHE A 228 -30.98 11.20 -4.90
C PHE A 228 -29.51 10.87 -5.14
N LEU A 229 -28.92 10.03 -4.27
CA LEU A 229 -27.55 9.62 -4.47
C LEU A 229 -27.38 8.73 -5.70
N ARG A 230 -28.45 8.10 -6.16
CA ARG A 230 -28.37 7.30 -7.38
C ARG A 230 -28.23 8.20 -8.61
N LYS A 231 -28.95 9.32 -8.63
CA LYS A 231 -28.86 10.26 -9.74
C LYS A 231 -27.75 11.28 -9.56
N SER A 232 -27.30 11.52 -8.33
CA SER A 232 -26.21 12.46 -8.12
C SER A 232 -24.88 11.88 -8.59
N VAL A 233 -24.65 10.59 -8.32
CA VAL A 233 -23.44 9.95 -8.82
C VAL A 233 -23.52 9.79 -10.34
N LYS A 234 -24.72 9.52 -10.85
CA LYS A 234 -24.90 9.44 -12.31
C LYS A 234 -24.65 10.78 -12.97
N ARG A 235 -25.08 11.87 -12.33
CA ARG A 235 -24.72 13.20 -12.81
C ARG A 235 -23.26 13.52 -12.57
N MET A 236 -22.59 12.81 -11.66
CA MET A 236 -21.20 13.03 -11.36
C MET A 236 -20.25 12.36 -12.35
N LYS A 237 -20.79 11.73 -13.40
CA LYS A 237 -19.99 11.14 -14.46
C LYS A 237 -19.89 12.16 -15.59
N GLU A 238 -18.73 12.83 -15.69
CA GLU A 238 -18.49 13.86 -16.69
C GLU A 238 -17.19 13.51 -17.42
N SER A 239 -17.30 12.58 -18.37
CA SER A 239 -16.17 12.18 -19.19
C SER A 239 -16.70 11.81 -20.57
N ARG A 240 -16.08 12.33 -21.64
CA ARG A 240 -14.87 13.15 -21.57
C ARG A 240 -15.10 14.56 -21.01
N LEU A 241 -14.04 15.17 -20.51
CA LEU A 241 -14.11 16.49 -19.92
C LEU A 241 -12.86 17.29 -20.24
N ARG A 248 -7.19 14.40 -13.83
CA ARG A 248 -6.80 13.71 -12.61
C ARG A 248 -7.22 12.24 -12.63
N VAL A 249 -6.79 11.52 -11.59
CA VAL A 249 -7.19 10.13 -11.37
C VAL A 249 -7.60 10.02 -9.91
N ASP A 250 -8.91 9.94 -9.67
CA ASP A 250 -9.43 9.92 -8.30
C ASP A 250 -10.18 8.64 -8.00
N PHE A 251 -11.04 8.67 -6.98
CA PHE A 251 -11.83 7.50 -6.61
C PHE A 251 -12.80 7.11 -7.73
N LEU A 252 -13.44 8.10 -8.35
CA LEU A 252 -14.33 7.81 -9.46
C LEU A 252 -13.57 7.30 -10.68
N GLN A 253 -12.38 7.85 -10.93
CA GLN A 253 -11.60 7.43 -12.08
C GLN A 253 -11.10 6.00 -11.93
N LEU A 254 -10.88 5.55 -10.69
CA LEU A 254 -10.43 4.17 -10.48
C LEU A 254 -11.52 3.16 -10.77
N MET A 255 -12.77 3.50 -10.48
CA MET A 255 -13.87 2.55 -10.70
C MET A 255 -14.23 2.43 -12.17
N ILE A 256 -14.13 3.52 -12.93
CA ILE A 256 -14.45 3.46 -14.36
C ILE A 256 -13.36 2.73 -15.12
N ASP A 257 -12.10 2.98 -14.77
CA ASP A 257 -10.99 2.28 -15.42
C ASP A 257 -11.02 0.79 -15.11
N SER A 258 -11.49 0.42 -13.92
CA SER A 258 -11.67 -0.99 -13.58
C SER A 258 -12.96 -1.57 -14.12
N GLN A 259 -13.85 -0.72 -14.66
CA GLN A 259 -15.11 -1.17 -15.25
C GLN A 259 -14.95 -1.58 -16.70
N ASN A 260 -14.39 -0.68 -17.52
CA ASN A 260 -14.19 -0.93 -18.95
C ASN A 260 -15.48 -1.33 -19.66
N ALA A 269 -14.79 -7.01 -13.20
CA ALA A 269 -15.97 -6.53 -13.90
C ALA A 269 -16.91 -5.81 -12.94
N LEU A 270 -16.75 -4.50 -12.82
CA LEU A 270 -17.56 -3.69 -11.93
C LEU A 270 -18.85 -3.26 -12.62
N SER A 271 -19.95 -3.29 -11.88
CA SER A 271 -21.24 -2.89 -12.39
C SER A 271 -21.46 -1.38 -12.19
N ASP A 272 -22.51 -0.87 -12.83
CA ASP A 272 -22.82 0.56 -12.72
C ASP A 272 -23.45 0.86 -11.37
N LEU A 273 -24.44 0.06 -10.96
CA LEU A 273 -25.08 0.31 -9.67
C LEU A 273 -24.16 -0.04 -8.51
N GLU A 274 -23.19 -0.94 -8.73
CA GLU A 274 -22.20 -1.22 -7.71
C GLU A 274 -21.27 -0.02 -7.50
N LEU A 275 -21.08 0.80 -8.53
CA LEU A 275 -20.27 2.00 -8.38
C LEU A 275 -20.93 2.99 -7.43
N VAL A 276 -22.25 3.14 -7.52
CA VAL A 276 -22.97 4.02 -6.61
C VAL A 276 -22.94 3.45 -5.19
N ALA A 277 -22.92 2.12 -5.06
CA ALA A 277 -22.92 1.51 -3.73
C ALA A 277 -21.66 1.87 -2.96
N GLN A 278 -20.49 1.77 -3.62
CA GLN A 278 -19.25 2.12 -2.95
C GLN A 278 -19.12 3.63 -2.76
N SER A 279 -19.74 4.42 -3.63
CA SER A 279 -19.66 5.87 -3.50
C SER A 279 -20.47 6.38 -2.31
N ILE A 280 -21.61 5.74 -2.04
CA ILE A 280 -22.44 6.14 -0.90
C ILE A 280 -21.68 5.90 0.40
N ILE A 281 -20.91 4.82 0.47
CA ILE A 281 -20.12 4.55 1.67
C ILE A 281 -19.02 5.59 1.85
N PHE A 282 -18.35 5.96 0.77
CA PHE A 282 -17.27 6.93 0.86
C PHE A 282 -17.80 8.32 1.22
N ILE A 283 -18.97 8.69 0.70
CA ILE A 283 -19.54 10.00 1.00
C ILE A 283 -19.99 10.05 2.46
N PHE A 284 -20.59 8.96 2.96
CA PHE A 284 -21.03 8.93 4.35
C PHE A 284 -19.85 8.91 5.30
N ALA A 285 -18.84 8.07 5.02
CA ALA A 285 -17.70 7.96 5.91
C ALA A 285 -16.89 9.26 5.94
N GLY A 286 -16.79 9.95 4.81
CA GLY A 286 -16.05 11.19 4.79
C GLY A 286 -16.75 12.32 5.51
N TYR A 287 -18.07 12.26 5.62
CA TYR A 287 -18.85 13.29 6.29
C TYR A 287 -19.05 13.01 7.78
N GLU A 288 -19.57 11.82 8.10
CA GLU A 288 -19.93 11.54 9.48
C GLU A 288 -18.69 11.34 10.35
N THR A 289 -17.76 10.48 9.90
CA THR A 289 -16.61 10.13 10.72
C THR A 289 -15.70 11.32 10.95
N THR A 290 -15.40 12.08 9.88
CA THR A 290 -14.46 13.18 9.99
C THR A 290 -15.00 14.29 10.89
N SER A 291 -16.29 14.63 10.74
CA SER A 291 -16.86 15.73 11.51
C SER A 291 -17.13 15.34 12.95
N SER A 292 -17.57 14.10 13.18
CA SER A 292 -17.90 13.68 14.55
C SER A 292 -16.65 13.60 15.42
N VAL A 293 -15.55 13.09 14.88
CA VAL A 293 -14.31 13.01 15.65
C VAL A 293 -13.73 14.40 15.86
N LEU A 294 -13.84 15.28 14.85
CA LEU A 294 -13.36 16.65 15.00
C LEU A 294 -14.09 17.37 16.13
N SER A 295 -15.40 17.14 16.25
CA SER A 295 -16.15 17.74 17.35
C SER A 295 -15.70 17.19 18.69
N PHE A 296 -15.36 15.90 18.74
CA PHE A 296 -14.81 15.32 19.96
C PHE A 296 -13.44 15.87 20.28
N ILE A 297 -12.64 16.19 19.27
CA ILE A 297 -11.31 16.75 19.50
C ILE A 297 -11.42 18.17 20.05
N MET A 298 -12.27 19.00 19.44
CA MET A 298 -12.39 20.38 19.88
C MET A 298 -13.01 20.48 21.27
N TYR A 299 -13.83 19.51 21.67
CA TYR A 299 -14.36 19.50 23.02
C TYR A 299 -13.26 19.30 24.05
N GLU A 300 -12.30 18.42 23.75
CA GLU A 300 -11.19 18.20 24.69
C GLU A 300 -10.22 19.37 24.68
N LEU A 301 -10.09 20.07 23.55
CA LEU A 301 -9.17 21.20 23.48
C LEU A 301 -9.72 22.41 24.24
N ALA A 302 -11.04 22.62 24.19
CA ALA A 302 -11.63 23.73 24.92
C ALA A 302 -11.68 23.47 26.41
N THR A 303 -12.03 22.24 26.81
CA THR A 303 -12.06 21.87 28.22
C THR A 303 -10.66 21.72 28.81
N HIS A 304 -9.62 21.70 27.97
CA HIS A 304 -8.23 21.63 28.42
C HIS A 304 -7.44 22.68 27.66
N PRO A 305 -7.46 23.94 28.13
CA PRO A 305 -6.71 24.99 27.44
C PRO A 305 -5.21 24.75 27.39
N ASP A 306 -4.67 24.00 28.36
CA ASP A 306 -3.25 23.70 28.34
C ASP A 306 -2.88 22.78 27.18
N VAL A 307 -3.74 21.81 26.88
CA VAL A 307 -3.49 20.93 25.74
C VAL A 307 -3.68 21.69 24.44
N GLN A 308 -4.68 22.57 24.38
CA GLN A 308 -4.89 23.37 23.18
C GLN A 308 -3.75 24.37 22.98
N GLN A 309 -3.25 24.96 24.06
CA GLN A 309 -2.12 25.88 23.96
C GLN A 309 -0.87 25.15 23.48
N LYS A 310 -0.55 24.00 24.10
CA LYS A 310 0.62 23.24 23.71
C LYS A 310 0.51 22.74 22.27
N LEU A 311 -0.71 22.47 21.81
CA LEU A 311 -0.91 22.06 20.43
C LEU A 311 -0.75 23.24 19.47
N GLN A 312 -1.20 24.44 19.90
CA GLN A 312 -1.04 25.62 19.07
C GLN A 312 0.42 26.03 18.94
N GLU A 313 1.22 25.80 19.97
CA GLU A 313 2.64 26.14 19.90
C GLU A 313 3.41 25.22 18.96
N GLU A 314 2.99 23.95 18.87
CA GLU A 314 3.65 23.02 17.96
C GLU A 314 3.37 23.36 16.50
N ILE A 315 2.13 23.79 16.21
CA ILE A 315 1.79 24.16 14.84
C ILE A 315 2.55 25.41 14.42
N ASP A 316 2.69 26.38 15.34
CA ASP A 316 3.43 27.60 15.01
C ASP A 316 4.92 27.33 14.83
N ALA A 317 5.44 26.28 15.46
CA ALA A 317 6.86 25.94 15.31
C ALA A 317 7.13 25.29 13.97
N VAL A 318 6.29 24.32 13.58
CA VAL A 318 6.47 23.65 12.29
C VAL A 318 6.06 24.57 11.15
N LEU A 319 5.00 25.35 11.34
CA LEU A 319 4.45 26.24 10.33
C LEU A 319 4.45 27.66 10.88
N PRO A 320 5.57 28.37 10.78
CA PRO A 320 5.62 29.75 11.26
C PRO A 320 4.98 30.72 10.28
N ASN A 321 4.51 31.84 10.82
CA ASN A 321 3.87 32.90 10.04
C ASN A 321 2.68 32.36 9.24
N LYS A 322 1.92 31.45 9.86
CA LYS A 322 0.77 30.82 9.24
C LYS A 322 1.15 30.15 7.91
N ALA A 323 2.18 29.32 7.98
CA ALA A 323 2.63 28.62 6.78
C ALA A 323 1.60 27.55 6.38
N PRO A 324 1.32 27.41 5.10
CA PRO A 324 0.34 26.41 4.65
C PRO A 324 0.82 25.01 4.97
N PRO A 325 -0.07 24.15 5.47
CA PRO A 325 0.35 22.78 5.80
C PRO A 325 0.54 21.94 4.54
N THR A 326 1.53 21.06 4.60
CA THR A 326 1.85 20.15 3.50
C THR A 326 1.85 18.72 4.03
N TYR A 327 2.05 17.77 3.11
CA TYR A 327 2.03 16.36 3.49
C TYR A 327 3.15 16.03 4.47
N ASP A 328 4.36 16.54 4.21
CA ASP A 328 5.50 16.20 5.05
C ASP A 328 5.45 16.93 6.40
N THR A 329 4.88 18.13 6.43
CA THR A 329 4.81 18.88 7.68
C THR A 329 3.74 18.30 8.62
N VAL A 330 2.73 17.64 8.06
CA VAL A 330 1.70 17.03 8.90
C VAL A 330 2.26 15.84 9.66
N LEU A 331 3.07 15.01 8.99
CA LEU A 331 3.66 13.84 9.63
C LEU A 331 4.73 14.19 10.65
N GLN A 332 5.10 15.46 10.77
CA GLN A 332 6.13 15.87 11.72
C GLN A 332 5.56 16.25 13.08
N MET A 333 4.35 16.77 13.13
CA MET A 333 3.73 17.18 14.39
C MET A 333 3.37 15.96 15.21
N GLU A 334 4.07 15.75 16.33
CA GLU A 334 3.79 14.60 17.18
C GLU A 334 2.62 14.87 18.12
N TYR A 335 2.61 16.04 18.77
CA TYR A 335 1.54 16.34 19.71
C TYR A 335 0.18 16.42 19.01
N LEU A 336 0.18 16.79 17.72
CA LEU A 336 -1.06 16.73 16.95
C LEU A 336 -1.53 15.29 16.79
N ASP A 337 -0.60 14.37 16.56
CA ASP A 337 -0.96 12.95 16.49
C ASP A 337 -1.36 12.40 17.84
N MET A 338 -0.79 12.93 18.92
CA MET A 338 -1.13 12.46 20.26
C MET A 338 -2.53 12.91 20.67
N VAL A 339 -2.91 14.13 20.29
CA VAL A 339 -4.25 14.63 20.63
C VAL A 339 -5.32 13.84 19.88
N VAL A 340 -5.07 13.53 18.60
CA VAL A 340 -6.04 12.79 17.81
C VAL A 340 -6.17 11.36 18.33
N ASN A 341 -5.05 10.76 18.74
CA ASN A 341 -5.10 9.37 19.19
C ASN A 341 -5.82 9.23 20.53
N GLU A 342 -5.58 10.16 21.45
CA GLU A 342 -6.25 10.07 22.75
C GLU A 342 -7.75 10.33 22.62
N THR A 343 -8.13 11.23 21.71
CA THR A 343 -9.55 11.47 21.47
C THR A 343 -10.21 10.25 20.86
N LEU A 344 -9.55 9.61 19.89
CA LEU A 344 -10.07 8.37 19.32
C LEU A 344 -10.09 7.23 20.34
N ARG A 345 -9.25 7.30 21.37
CA ARG A 345 -9.32 6.32 22.45
C ARG A 345 -10.59 6.51 23.27
N LEU A 346 -10.83 7.75 23.72
CA LEU A 346 -12.03 8.03 24.51
C LEU A 346 -13.30 7.89 23.70
N PHE A 347 -13.24 8.11 22.38
CA PHE A 347 -14.40 8.08 21.51
C PHE A 347 -14.11 7.27 20.26
N PRO A 348 -14.16 5.93 20.36
CA PRO A 348 -14.10 5.09 19.16
C PRO A 348 -15.47 5.02 18.50
N ILE A 349 -15.62 5.74 17.38
CA ILE A 349 -16.93 5.90 16.75
C ILE A 349 -17.52 4.58 16.30
N ALA A 350 -16.68 3.56 16.05
CA ALA A 350 -17.19 2.24 15.71
C ALA A 350 -17.61 1.44 16.94
N MET A 351 -17.03 1.75 18.11
CA MET A 351 -17.39 1.13 19.38
C MET A 351 -17.02 -0.34 19.39
N ARG A 352 -17.52 -1.11 18.42
CA ARG A 352 -17.30 -2.55 18.36
C ARG A 352 -16.64 -2.97 17.06
N LEU A 353 -16.07 -4.17 17.09
CA LEU A 353 -15.52 -4.84 15.91
C LEU A 353 -16.08 -6.25 15.87
N GLU A 354 -16.85 -6.55 14.83
CA GLU A 354 -17.59 -7.81 14.75
C GLU A 354 -17.11 -8.64 13.57
N ARG A 355 -16.94 -9.94 13.81
CA ARG A 355 -16.62 -10.91 12.78
C ARG A 355 -17.50 -12.14 12.96
N VAL A 356 -17.85 -12.77 11.85
CA VAL A 356 -18.71 -13.96 11.85
C VAL A 356 -17.84 -15.19 11.67
N CYS A 357 -17.98 -16.14 12.60
CA CYS A 357 -17.24 -17.40 12.53
C CYS A 357 -17.95 -18.33 11.56
N LYS A 358 -17.31 -18.61 10.43
CA LYS A 358 -17.94 -19.37 9.36
C LYS A 358 -17.75 -20.88 9.49
N LYS A 359 -16.97 -21.35 10.46
CA LYS A 359 -16.76 -22.78 10.66
C LYS A 359 -16.16 -23.01 12.03
N ASP A 360 -16.37 -24.21 12.56
CA ASP A 360 -15.88 -24.56 13.88
C ASP A 360 -14.35 -24.46 13.94
N VAL A 361 -13.85 -23.70 14.92
CA VAL A 361 -12.43 -23.49 15.10
C VAL A 361 -12.10 -23.53 16.59
N GLU A 362 -10.81 -23.60 16.89
CA GLU A 362 -10.31 -23.58 18.27
C GLU A 362 -9.09 -22.67 18.29
N ILE A 363 -9.29 -21.41 18.71
CA ILE A 363 -8.23 -20.42 18.74
C ILE A 363 -7.88 -20.13 20.20
N ASN A 364 -6.58 -20.07 20.47
CA ASN A 364 -6.07 -19.76 21.81
C ASN A 364 -6.63 -20.71 22.86
N GLY A 365 -6.90 -21.96 22.46
CA GLY A 365 -7.44 -22.94 23.38
C GLY A 365 -8.91 -22.73 23.73
N MET A 366 -9.69 -22.16 22.81
CA MET A 366 -11.11 -21.93 23.05
C MET A 366 -11.88 -22.26 21.78
N PHE A 367 -12.88 -23.14 21.91
CA PHE A 367 -13.70 -23.52 20.78
C PHE A 367 -14.76 -22.47 20.52
N ILE A 368 -14.93 -22.10 19.26
CA ILE A 368 -15.92 -21.13 18.83
C ILE A 368 -16.82 -21.80 17.80
N PRO A 369 -18.12 -21.97 18.07
CA PRO A 369 -19.00 -22.64 17.11
C PRO A 369 -19.21 -21.80 15.85
N LYS A 370 -19.69 -22.48 14.82
CA LYS A 370 -19.98 -21.80 13.55
C LYS A 370 -21.23 -20.93 13.69
N GLY A 371 -21.15 -19.71 13.17
CA GLY A 371 -22.25 -18.77 13.21
C GLY A 371 -22.19 -17.79 14.36
N VAL A 372 -21.31 -18.01 15.34
CA VAL A 372 -21.18 -17.09 16.47
C VAL A 372 -20.48 -15.83 16.01
N VAL A 373 -21.05 -14.67 16.35
CA VAL A 373 -20.47 -13.39 15.98
C VAL A 373 -19.41 -13.03 17.02
N VAL A 374 -18.15 -13.02 16.60
CA VAL A 374 -17.05 -12.63 17.48
C VAL A 374 -16.97 -11.11 17.52
N MET A 375 -17.12 -10.54 18.71
CA MET A 375 -17.15 -9.10 18.89
C MET A 375 -15.98 -8.65 19.74
N ILE A 376 -15.37 -7.53 19.37
CA ILE A 376 -14.27 -6.93 20.10
C ILE A 376 -14.75 -5.59 20.66
N PRO A 377 -15.00 -5.48 21.96
CA PRO A 377 -15.48 -4.21 22.52
C PRO A 377 -14.39 -3.16 22.54
N SER A 378 -14.28 -2.38 21.45
CA SER A 378 -13.24 -1.36 21.36
C SER A 378 -13.41 -0.28 22.41
N TYR A 379 -14.66 0.05 22.77
CA TYR A 379 -14.89 1.07 23.77
C TYR A 379 -14.46 0.59 25.15
N ALA A 380 -14.83 -0.64 25.51
CA ALA A 380 -14.47 -1.16 26.82
C ALA A 380 -12.97 -1.38 26.96
N LEU A 381 -12.29 -1.74 25.86
CA LEU A 381 -10.84 -1.94 25.92
C LEU A 381 -10.09 -0.62 26.00
N HIS A 382 -10.62 0.43 25.35
CA HIS A 382 -9.97 1.73 25.39
C HIS A 382 -10.05 2.38 26.77
N ARG A 383 -10.97 1.92 27.62
CA ARG A 383 -11.13 2.47 28.97
C ARG A 383 -10.88 1.42 30.05
N ASP A 384 -10.11 0.39 29.73
CA ASP A 384 -9.80 -0.66 30.71
C ASP A 384 -8.80 -0.12 31.72
N PRO A 385 -9.12 -0.12 33.03
CA PRO A 385 -8.15 0.39 34.01
C PRO A 385 -6.86 -0.41 34.07
N LYS A 386 -6.89 -1.69 33.71
CA LYS A 386 -5.70 -2.52 33.72
C LYS A 386 -4.84 -2.34 32.47
N TYR A 387 -5.14 -1.34 31.64
CA TYR A 387 -4.33 -1.05 30.47
C TYR A 387 -4.02 0.43 30.37
N TRP A 388 -4.91 1.27 30.88
CA TRP A 388 -4.76 2.72 30.83
C TRP A 388 -4.88 3.28 32.25
N THR A 389 -3.87 4.03 32.67
CA THR A 389 -3.91 4.68 33.97
C THR A 389 -4.85 5.87 33.92
N GLU A 390 -5.88 5.86 34.77
CA GLU A 390 -6.95 6.86 34.76
C GLU A 390 -7.56 6.93 33.36
N PRO A 391 -8.36 5.92 32.97
CA PRO A 391 -8.83 5.85 31.58
C PRO A 391 -9.84 6.91 31.20
N GLU A 392 -10.47 7.58 32.17
CA GLU A 392 -11.48 8.58 31.89
C GLU A 392 -10.91 9.99 31.72
N LYS A 393 -9.61 10.17 31.94
CA LYS A 393 -8.99 11.49 31.85
C LYS A 393 -8.33 11.67 30.48
N PHE A 394 -8.50 12.86 29.92
CA PHE A 394 -7.91 13.20 28.63
C PHE A 394 -6.44 13.50 28.82
N LEU A 395 -5.59 12.50 28.55
CA LEU A 395 -4.15 12.61 28.73
C LEU A 395 -3.46 12.21 27.42
N PRO A 396 -3.16 13.19 26.56
CA PRO A 396 -2.44 12.87 25.31
C PRO A 396 -1.06 12.28 25.52
N GLU A 397 -0.50 12.37 26.73
CA GLU A 397 0.83 11.84 27.01
C GLU A 397 0.87 10.31 26.95
N ARG A 398 -0.27 9.64 26.86
CA ARG A 398 -0.26 8.19 26.73
C ARG A 398 0.38 7.75 25.42
N PHE A 399 0.18 8.52 24.35
CA PHE A 399 0.66 8.17 23.03
C PHE A 399 1.98 8.86 22.69
N SER A 400 2.68 9.41 23.69
CA SER A 400 4.00 9.97 23.44
C SER A 400 5.00 8.85 23.16
N LYS A 401 6.08 9.20 22.45
CA LYS A 401 7.09 8.21 22.10
C LYS A 401 7.79 7.63 23.33
N LYS A 402 7.64 8.25 24.49
CA LYS A 402 8.13 7.64 25.73
C LYS A 402 7.19 6.56 26.24
N ASN A 403 5.89 6.67 25.95
CA ASN A 403 4.90 5.73 26.45
C ASN A 403 4.14 4.98 25.37
N LYS A 404 4.34 5.30 24.09
CA LYS A 404 3.60 4.59 23.04
C LYS A 404 4.04 3.14 22.92
N ASP A 405 5.26 2.81 23.35
CA ASP A 405 5.69 1.41 23.38
C ASP A 405 4.92 0.59 24.39
N ASN A 406 4.35 1.24 25.42
CA ASN A 406 3.52 0.57 26.41
C ASN A 406 2.07 0.47 25.99
N ILE A 407 1.80 0.41 24.69
CA ILE A 407 0.45 0.38 24.15
C ILE A 407 0.32 -0.83 23.24
N ASP A 408 -0.65 -1.68 23.54
CA ASP A 408 -0.89 -2.87 22.71
C ASP A 408 -1.70 -2.48 21.47
N PRO A 409 -1.22 -2.78 20.27
CA PRO A 409 -1.95 -2.38 19.06
C PRO A 409 -3.28 -3.11 18.87
N TYR A 410 -3.57 -4.14 19.66
CA TYR A 410 -4.82 -4.87 19.57
C TYR A 410 -5.79 -4.55 20.69
N ILE A 411 -5.39 -3.71 21.64
CA ILE A 411 -6.31 -3.16 22.64
C ILE A 411 -6.83 -1.79 22.22
N TYR A 412 -5.97 -0.99 21.58
CA TYR A 412 -6.36 0.31 21.03
C TYR A 412 -6.52 0.15 19.53
N THR A 413 -7.76 -0.08 19.09
CA THR A 413 -8.09 -0.30 17.69
C THR A 413 -9.18 0.67 17.27
N PRO A 414 -8.83 1.95 17.03
CA PRO A 414 -9.84 2.90 16.55
C PRO A 414 -10.23 2.69 15.10
N PHE A 415 -9.34 2.09 14.29
CA PHE A 415 -9.64 1.80 12.89
C PHE A 415 -9.66 0.30 12.62
N GLY A 416 -9.77 -0.53 13.65
CA GLY A 416 -9.70 -1.97 13.46
C GLY A 416 -8.28 -2.44 13.20
N SER A 417 -8.19 -3.68 12.72
CA SER A 417 -6.90 -4.27 12.42
C SER A 417 -7.10 -5.44 11.46
N GLY A 418 -6.07 -5.72 10.66
CA GLY A 418 -6.10 -6.82 9.74
C GLY A 418 -6.47 -6.39 8.33
N PRO A 419 -6.76 -7.36 7.47
CA PRO A 419 -7.11 -7.04 6.08
C PRO A 419 -8.40 -6.27 5.94
N ARG A 420 -9.33 -6.37 6.89
CA ARG A 420 -10.60 -5.66 6.79
C ARG A 420 -10.66 -4.55 7.83
N ASN A 421 -9.61 -3.73 7.90
CA ASN A 421 -9.60 -2.56 8.77
C ASN A 421 -10.20 -1.39 8.02
N CYS A 422 -10.08 -0.19 8.59
CA CYS A 422 -10.59 1.02 7.93
C CYS A 422 -9.72 1.35 6.73
N ILE A 423 -10.27 1.21 5.53
CA ILE A 423 -9.51 1.51 4.32
C ILE A 423 -9.23 3.00 4.19
N GLY A 424 -10.01 3.84 4.85
CA GLY A 424 -9.79 5.27 4.80
C GLY A 424 -9.17 5.82 6.07
N MET A 425 -8.35 4.99 6.73
CA MET A 425 -7.70 5.43 7.96
C MET A 425 -6.71 6.55 7.70
N ARG A 426 -5.77 6.33 6.77
CA ARG A 426 -4.76 7.35 6.47
C ARG A 426 -5.37 8.58 5.81
N PHE A 427 -6.55 8.44 5.19
CA PHE A 427 -7.23 9.61 4.64
C PHE A 427 -7.97 10.39 5.71
N ALA A 428 -8.60 9.68 6.66
CA ALA A 428 -9.32 10.35 7.73
C ALA A 428 -8.38 11.07 8.68
N LEU A 429 -7.24 10.44 8.99
CA LEU A 429 -6.26 11.10 9.86
C LEU A 429 -5.68 12.35 9.23
N MET A 430 -5.55 12.36 7.90
CA MET A 430 -5.01 13.53 7.22
C MET A 430 -6.03 14.66 7.15
N ASN A 431 -7.27 14.32 6.78
CA ASN A 431 -8.29 15.35 6.65
C ASN A 431 -8.62 16.02 7.99
N MET A 432 -8.53 15.27 9.09
CA MET A 432 -8.77 15.85 10.40
C MET A 432 -7.60 16.72 10.84
N LYS A 433 -6.37 16.27 10.55
CA LYS A 433 -5.20 17.05 10.93
C LYS A 433 -5.07 18.31 10.08
N LEU A 434 -5.36 18.20 8.77
CA LEU A 434 -5.35 19.39 7.92
C LEU A 434 -6.40 20.39 8.35
N ALA A 435 -7.48 19.92 8.97
CA ALA A 435 -8.47 20.82 9.53
C ALA A 435 -8.01 21.42 10.85
N LEU A 436 -7.46 20.58 11.74
CA LEU A 436 -6.99 21.06 13.03
C LEU A 436 -5.86 22.07 12.88
N ILE A 437 -5.00 21.90 11.88
CA ILE A 437 -3.88 22.81 11.70
C ILE A 437 -4.37 24.20 11.29
N ARG A 438 -5.09 24.27 10.17
CA ARG A 438 -5.50 25.56 9.63
C ARG A 438 -6.50 26.28 10.51
N VAL A 439 -7.20 25.56 11.39
CA VAL A 439 -8.14 26.20 12.31
C VAL A 439 -7.41 26.74 13.53
N LEU A 440 -6.56 25.91 14.15
CA LEU A 440 -5.85 26.34 15.35
C LEU A 440 -4.79 27.40 15.05
N GLN A 441 -4.42 27.57 13.77
CA GLN A 441 -3.51 28.66 13.42
C GLN A 441 -4.13 30.02 13.65
N ASN A 442 -5.45 30.14 13.48
CA ASN A 442 -6.13 31.42 13.52
C ASN A 442 -7.02 31.61 14.74
N PHE A 443 -7.56 30.55 15.33
CA PHE A 443 -8.57 30.68 16.36
C PHE A 443 -8.20 29.85 17.59
N SER A 444 -8.81 30.24 18.71
CA SER A 444 -8.79 29.47 19.94
C SER A 444 -10.22 29.20 20.37
N PHE A 445 -10.43 28.09 21.06
CA PHE A 445 -11.77 27.60 21.40
C PHE A 445 -11.94 27.54 22.91
N LYS A 446 -13.05 28.09 23.39
CA LYS A 446 -13.40 28.13 24.80
C LYS A 446 -14.84 27.67 24.98
N PRO A 447 -15.16 27.06 26.13
CA PRO A 447 -16.54 26.61 26.38
C PRO A 447 -17.52 27.76 26.52
N CYS A 448 -18.81 27.44 26.64
CA CYS A 448 -19.87 28.43 26.77
C CYS A 448 -20.81 28.00 27.88
N LYS A 449 -21.88 28.78 28.06
CA LYS A 449 -22.92 28.42 29.02
C LYS A 449 -23.68 27.19 28.57
N GLU A 450 -23.99 27.10 27.28
CA GLU A 450 -24.75 26.00 26.72
C GLU A 450 -23.89 24.82 26.31
N THR A 451 -22.61 24.82 26.68
CA THR A 451 -21.72 23.69 26.40
C THR A 451 -21.91 22.62 27.46
N GLN A 452 -22.25 21.41 27.03
CA GLN A 452 -22.51 20.30 27.95
C GLN A 452 -21.19 19.82 28.54
N ILE A 453 -20.93 20.19 29.79
CA ILE A 453 -19.72 19.78 30.51
C ILE A 453 -20.15 19.13 31.82
N PRO A 454 -19.88 17.83 32.03
CA PRO A 454 -19.19 16.95 31.09
C PRO A 454 -20.06 16.48 29.94
N LEU A 455 -19.43 16.05 28.85
CA LEU A 455 -20.16 15.61 27.67
C LEU A 455 -20.83 14.27 27.94
N LYS A 456 -22.15 14.23 27.81
CA LYS A 456 -22.91 13.00 27.94
C LYS A 456 -23.09 12.37 26.55
N LEU A 457 -22.55 11.18 26.37
CA LEU A 457 -22.72 10.47 25.11
C LEU A 457 -24.18 10.05 24.93
N SER A 458 -24.60 9.94 23.67
CA SER A 458 -25.97 9.55 23.37
C SER A 458 -26.20 8.10 23.82
N LEU A 459 -27.23 7.91 24.64
CA LEU A 459 -27.61 6.58 25.12
C LEU A 459 -28.35 5.75 24.07
N GLY A 460 -28.26 6.12 22.80
CA GLY A 460 -28.92 5.40 21.74
C GLY A 460 -28.04 4.35 21.09
N GLY A 461 -27.88 4.44 19.77
CA GLY A 461 -27.10 3.46 19.04
C GLY A 461 -25.71 3.92 18.68
N LEU A 462 -25.59 4.79 17.68
CA LEU A 462 -24.28 5.25 17.24
C LEU A 462 -23.67 6.21 18.25
N LEU A 463 -22.34 6.31 18.20
CA LEU A 463 -21.59 7.10 19.17
C LEU A 463 -21.69 8.58 18.80
N GLN A 464 -22.51 9.31 19.55
CA GLN A 464 -22.69 10.74 19.38
C GLN A 464 -22.93 11.36 20.74
N PRO A 465 -22.72 12.67 20.89
CA PRO A 465 -23.12 13.34 22.12
C PRO A 465 -24.63 13.52 22.18
N GLU A 466 -25.15 13.61 23.41
CA GLU A 466 -26.56 13.90 23.60
C GLU A 466 -26.88 15.28 23.05
N LYS A 467 -26.32 16.31 23.67
CA LYS A 467 -26.40 17.70 23.23
C LYS A 467 -25.23 18.03 22.32
N PRO A 468 -25.47 18.76 21.24
CA PRO A 468 -24.38 19.07 20.30
C PRO A 468 -23.27 19.86 20.95
N VAL A 469 -22.04 19.62 20.50
CA VAL A 469 -20.87 20.31 21.02
C VAL A 469 -20.87 21.74 20.49
N VAL A 470 -21.06 22.70 21.39
CA VAL A 470 -21.07 24.12 21.04
C VAL A 470 -19.96 24.81 21.82
N LEU A 471 -19.18 25.63 21.13
CA LEU A 471 -18.05 26.33 21.72
C LEU A 471 -17.93 27.72 21.11
N LYS A 472 -17.40 28.65 21.91
CA LYS A 472 -17.10 29.98 21.40
C LYS A 472 -15.80 29.98 20.63
N VAL A 473 -15.73 30.83 19.61
CA VAL A 473 -14.57 30.93 18.73
C VAL A 473 -13.99 32.32 18.86
N GLU A 474 -12.76 32.42 19.34
CA GLU A 474 -12.03 33.66 19.45
C GLU A 474 -10.89 33.69 18.44
N SER A 475 -10.67 34.83 17.82
CA SER A 475 -9.64 34.98 16.81
C SER A 475 -8.31 35.39 17.46
N ARG A 476 -7.23 35.10 16.74
CA ARG A 476 -5.88 35.42 17.23
C ARG A 476 -5.25 36.52 16.39
N SER B 9 32.27 21.54 -22.97
CA SER B 9 30.94 21.02 -22.61
C SER B 9 30.93 20.54 -21.16
N HIS B 10 32.06 20.66 -20.48
CA HIS B 10 32.19 20.24 -19.10
C HIS B 10 31.98 21.39 -18.10
N GLY B 11 31.75 22.60 -18.59
CA GLY B 11 31.42 23.71 -17.73
C GLY B 11 29.92 23.92 -17.63
N LEU B 12 29.17 22.85 -17.93
CA LEU B 12 27.71 22.96 -17.92
C LEU B 12 27.17 23.06 -16.50
N PHE B 13 27.58 22.15 -15.62
CA PHE B 13 27.10 22.19 -14.24
C PHE B 13 27.68 23.35 -13.45
N LYS B 14 28.84 23.86 -13.85
CA LYS B 14 29.34 25.09 -13.22
C LYS B 14 28.48 26.28 -13.59
N LYS B 15 27.86 26.26 -14.77
CA LYS B 15 27.01 27.37 -15.20
C LYS B 15 25.67 27.34 -14.46
N LEU B 16 25.04 26.17 -14.40
CA LEU B 16 23.71 26.04 -13.81
C LEU B 16 23.70 26.12 -12.30
N GLY B 17 24.86 26.30 -11.66
CA GLY B 17 24.90 26.34 -10.20
C GLY B 17 24.66 25.01 -9.54
N ILE B 18 24.75 23.91 -10.27
CA ILE B 18 24.56 22.57 -9.72
C ILE B 18 25.93 22.03 -9.34
N PRO B 19 26.16 21.68 -8.08
CA PRO B 19 27.48 21.18 -7.67
C PRO B 19 27.74 19.80 -8.26
N GLY B 20 28.99 19.34 -8.07
CA GLY B 20 29.41 18.06 -8.57
C GLY B 20 30.92 17.92 -8.60
N PRO B 21 31.40 16.69 -8.74
CA PRO B 21 32.86 16.48 -8.79
C PRO B 21 33.47 17.05 -10.06
N THR B 22 34.70 17.53 -9.93
CA THR B 22 35.41 18.12 -11.06
C THR B 22 35.71 17.06 -12.10
N PRO B 23 35.20 17.17 -13.32
CA PRO B 23 35.46 16.14 -14.34
C PRO B 23 36.81 16.32 -14.99
N LEU B 24 37.38 15.19 -15.43
CA LEU B 24 38.62 15.22 -16.17
C LEU B 24 38.33 15.29 -17.67
N PRO B 25 39.28 15.81 -18.45
CA PRO B 25 39.04 15.91 -19.91
C PRO B 25 38.83 14.56 -20.57
N PHE B 26 37.80 14.50 -21.42
CA PHE B 26 37.42 13.31 -22.18
C PHE B 26 36.84 12.24 -21.26
N LEU B 27 37.58 11.84 -20.23
CA LEU B 27 37.10 10.80 -19.33
C LEU B 27 35.88 11.27 -18.54
N GLY B 28 35.90 12.52 -18.07
CA GLY B 28 34.81 13.03 -17.25
C GLY B 28 34.96 12.65 -15.79
N ASN B 29 33.95 11.96 -15.24
CA ASN B 29 33.99 11.50 -13.87
C ASN B 29 34.02 9.97 -13.77
N ILE B 30 34.48 9.30 -14.82
CA ILE B 30 34.46 7.84 -14.84
C ILE B 30 35.57 7.23 -14.00
N LEU B 31 36.65 7.98 -13.73
CA LEU B 31 37.72 7.45 -12.90
C LEU B 31 37.30 7.30 -11.43
N SER B 32 36.21 7.95 -11.04
CA SER B 32 35.66 7.78 -9.70
C SER B 32 34.81 6.53 -9.58
N TYR B 33 34.60 5.80 -10.67
CA TYR B 33 33.87 4.54 -10.64
C TYR B 33 34.72 3.36 -10.16
N HIS B 34 35.94 3.62 -9.66
CA HIS B 34 36.82 2.55 -9.23
C HIS B 34 36.23 1.74 -8.07
N LYS B 35 35.33 2.34 -7.30
CA LYS B 35 34.62 1.63 -6.24
C LYS B 35 33.25 1.12 -6.68
N GLY B 36 32.79 1.49 -7.87
CA GLY B 36 31.52 1.06 -8.39
C GLY B 36 30.55 2.21 -8.57
N PHE B 37 29.45 1.90 -9.25
CA PHE B 37 28.40 2.90 -9.46
C PHE B 37 27.74 3.29 -8.13
N CYS B 38 27.54 2.32 -7.25
CA CYS B 38 26.83 2.58 -6.00
C CYS B 38 27.66 3.43 -5.05
N MET B 39 28.94 3.10 -4.89
CA MET B 39 29.80 3.85 -3.99
C MET B 39 30.01 5.29 -4.46
N PHE B 40 30.05 5.50 -5.77
CA PHE B 40 30.20 6.85 -6.29
C PHE B 40 28.93 7.69 -6.05
N ASP B 41 27.76 7.05 -6.15
CA ASP B 41 26.51 7.77 -5.92
C ASP B 41 26.34 8.12 -4.45
N MET B 42 26.77 7.23 -3.55
CA MET B 42 26.61 7.49 -2.12
C MET B 42 27.60 8.54 -1.63
N GLU B 43 28.83 8.54 -2.17
CA GLU B 43 29.80 9.57 -1.80
C GLU B 43 29.33 10.93 -2.30
N CYS B 44 28.78 11.00 -3.50
CA CYS B 44 28.25 12.26 -4.01
C CYS B 44 26.92 12.63 -3.36
N HIS B 45 26.20 11.65 -2.81
CA HIS B 45 24.96 11.96 -2.11
C HIS B 45 25.20 12.73 -0.83
N LYS B 46 26.35 12.49 -0.18
CA LYS B 46 26.71 13.18 1.04
C LYS B 46 27.53 14.44 0.78
N LYS B 47 28.39 14.43 -0.23
CA LYS B 47 29.28 15.55 -0.47
C LYS B 47 28.53 16.79 -0.97
N TYR B 48 27.54 16.59 -1.84
CA TYR B 48 26.92 17.70 -2.55
C TYR B 48 25.45 17.94 -2.20
N GLY B 49 24.79 16.99 -1.54
CA GLY B 49 23.43 17.22 -1.09
C GLY B 49 22.37 16.46 -1.84
N LYS B 50 21.32 17.17 -2.27
CA LYS B 50 20.17 16.51 -2.90
C LYS B 50 20.27 16.46 -4.42
N VAL B 51 20.99 17.38 -5.04
CA VAL B 51 21.10 17.45 -6.49
C VAL B 51 22.55 17.74 -6.85
N TRP B 52 23.16 16.85 -7.64
CA TRP B 52 24.51 17.05 -8.12
C TRP B 52 24.61 16.54 -9.55
N GLY B 53 25.62 17.02 -10.26
CA GLY B 53 25.83 16.64 -11.65
C GLY B 53 27.25 16.20 -11.90
N PHE B 54 27.38 15.11 -12.67
CA PHE B 54 28.68 14.60 -13.06
C PHE B 54 28.63 14.22 -14.54
N TYR B 55 29.78 13.84 -15.08
CA TYR B 55 29.94 13.56 -16.50
C TYR B 55 30.37 12.12 -16.71
N ASP B 56 29.69 11.44 -17.63
CA ASP B 56 30.11 10.12 -18.11
C ASP B 56 30.72 10.33 -19.49
N GLY B 57 32.01 10.65 -19.51
CA GLY B 57 32.65 11.10 -20.72
C GLY B 57 32.33 12.55 -20.98
N GLN B 58 31.69 12.84 -22.12
CA GLN B 58 31.15 14.16 -22.39
C GLN B 58 29.63 14.20 -22.21
N GLN B 59 29.04 13.11 -21.73
CA GLN B 59 27.60 13.05 -21.50
C GLN B 59 27.29 13.59 -20.10
N PRO B 60 26.62 14.73 -19.98
CA PRO B 60 26.30 15.25 -18.64
C PRO B 60 25.18 14.43 -18.01
N VAL B 61 25.38 14.05 -16.75
CA VAL B 61 24.42 13.26 -16.00
C VAL B 61 24.04 14.04 -14.74
N LEU B 62 22.75 14.32 -14.59
CA LEU B 62 22.24 15.05 -13.44
C LEU B 62 21.53 14.07 -12.51
N ALA B 63 21.96 14.03 -11.26
CA ALA B 63 21.38 13.14 -10.26
C ALA B 63 20.40 13.91 -9.38
N ILE B 64 19.19 13.37 -9.24
CA ILE B 64 18.15 14.01 -8.43
C ILE B 64 17.74 13.04 -7.33
N THR B 65 17.38 13.60 -6.17
CA THR B 65 16.90 12.80 -5.05
C THR B 65 15.57 13.28 -4.47
N ASP B 66 15.09 14.45 -4.87
CA ASP B 66 13.84 14.96 -4.34
C ASP B 66 12.68 14.11 -4.86
N PRO B 67 11.83 13.57 -3.98
CA PRO B 67 10.74 12.71 -4.46
C PRO B 67 9.77 13.42 -5.39
N ASP B 68 9.52 14.71 -5.18
CA ASP B 68 8.64 15.45 -6.10
C ASP B 68 9.28 15.58 -7.47
N MET B 69 10.59 15.81 -7.52
CA MET B 69 11.28 15.89 -8.80
C MET B 69 11.40 14.52 -9.46
N ILE B 70 11.50 13.46 -8.65
CA ILE B 70 11.54 12.11 -9.20
C ILE B 70 10.20 11.75 -9.83
N LYS B 71 9.09 12.11 -9.19
CA LYS B 71 7.77 11.81 -9.73
C LYS B 71 7.53 12.56 -11.04
N THR B 72 8.04 13.79 -11.14
CA THR B 72 7.86 14.56 -12.36
C THR B 72 8.62 13.96 -13.53
N VAL B 73 9.75 13.31 -13.27
CA VAL B 73 10.54 12.72 -14.35
C VAL B 73 9.99 11.35 -14.75
N LEU B 74 9.65 10.53 -13.76
CA LEU B 74 9.25 9.14 -14.06
C LEU B 74 7.78 9.05 -14.47
N VAL B 75 6.89 9.70 -13.73
CA VAL B 75 5.46 9.52 -13.91
C VAL B 75 4.84 10.66 -14.71
N LYS B 76 5.07 11.90 -14.30
CA LYS B 76 4.37 13.04 -14.89
C LYS B 76 4.84 13.34 -16.30
N GLU B 77 6.08 13.78 -16.45
CA GLU B 77 6.61 14.17 -17.76
C GLU B 77 7.31 13.02 -18.46
N CYS B 78 6.61 11.89 -18.59
CA CYS B 78 7.17 10.73 -19.27
C CYS B 78 6.99 10.83 -20.78
N TYR B 79 5.73 10.84 -21.23
CA TYR B 79 5.44 10.90 -22.66
C TYR B 79 5.84 12.23 -23.30
N SER B 80 6.13 13.26 -22.51
CA SER B 80 6.43 14.59 -23.02
C SER B 80 7.92 14.88 -23.09
N VAL B 81 8.65 14.65 -22.00
CA VAL B 81 10.05 15.03 -21.91
C VAL B 81 10.92 13.81 -21.65
N PHE B 82 10.77 13.22 -20.47
CA PHE B 82 11.62 12.10 -20.04
C PHE B 82 10.99 10.80 -20.53
N THR B 83 11.19 10.52 -21.82
CA THR B 83 10.60 9.35 -22.46
C THR B 83 11.58 8.20 -22.62
N ASN B 84 12.78 8.47 -23.13
CA ASN B 84 13.75 7.43 -23.46
C ASN B 84 14.89 7.42 -22.45
N ARG B 85 15.61 6.30 -22.43
CA ARG B 85 16.76 6.15 -21.56
C ARG B 85 18.03 6.59 -22.30
N ARG B 86 19.18 6.36 -21.69
CA ARG B 86 20.45 6.74 -22.31
C ARG B 86 20.65 5.95 -23.61
N PRO B 87 21.05 6.61 -24.70
CA PRO B 87 21.28 5.87 -25.96
C PRO B 87 22.38 4.84 -25.80
N PHE B 88 22.03 3.58 -26.04
CA PHE B 88 22.92 2.44 -25.80
C PHE B 88 23.21 1.77 -27.14
N GLY B 89 24.46 1.80 -27.56
CA GLY B 89 24.87 1.20 -28.80
C GLY B 89 26.37 1.00 -28.86
N PRO B 90 26.84 0.30 -29.91
CA PRO B 90 26.03 -0.28 -30.98
C PRO B 90 25.36 -1.59 -30.59
N VAL B 91 24.10 -1.77 -31.01
CA VAL B 91 23.33 -2.95 -30.67
C VAL B 91 22.96 -3.79 -31.89
N GLY B 92 23.14 -3.26 -33.10
CA GLY B 92 22.78 -4.04 -34.28
C GLY B 92 21.28 -4.14 -34.42
N PHE B 93 20.78 -5.37 -34.57
CA PHE B 93 19.34 -5.59 -34.68
C PHE B 93 18.62 -5.45 -33.35
N MET B 94 19.35 -5.45 -32.23
CA MET B 94 18.75 -5.29 -30.90
C MET B 94 18.31 -3.87 -30.61
N LYS B 95 18.36 -2.96 -31.59
CA LYS B 95 17.83 -1.62 -31.40
C LYS B 95 16.32 -1.63 -31.18
N SER B 96 15.63 -2.66 -31.66
CA SER B 96 14.19 -2.77 -31.50
CA SER B 96 14.19 -2.77 -31.50
C SER B 96 13.78 -3.30 -30.13
N ALA B 97 14.73 -3.52 -29.23
CA ALA B 97 14.40 -4.00 -27.90
C ALA B 97 13.60 -2.94 -27.14
N ILE B 98 12.54 -3.39 -26.45
CA ILE B 98 11.67 -2.47 -25.74
C ILE B 98 12.43 -1.74 -24.65
N SER B 99 13.42 -2.38 -24.03
CA SER B 99 14.25 -1.72 -23.04
C SER B 99 15.15 -0.65 -23.65
N ILE B 100 15.39 -0.73 -24.96
CA ILE B 100 16.22 0.25 -25.65
C ILE B 100 15.44 1.05 -26.69
N ALA B 101 14.17 0.72 -26.95
CA ALA B 101 13.39 1.45 -27.92
C ALA B 101 13.16 2.89 -27.47
N GLU B 102 12.80 3.74 -28.42
CA GLU B 102 12.67 5.17 -28.16
C GLU B 102 11.42 5.74 -28.84
N ASP B 103 10.72 6.60 -28.11
CA ASP B 103 9.66 7.46 -28.65
C ASP B 103 8.52 6.60 -29.18
N GLU B 104 8.16 6.69 -30.47
CA GLU B 104 6.92 6.09 -30.94
C GLU B 104 7.01 4.57 -30.99
N GLU B 105 8.16 4.03 -31.39
CA GLU B 105 8.30 2.58 -31.47
C GLU B 105 8.21 1.93 -30.10
N TRP B 106 8.57 2.66 -29.04
CA TRP B 106 8.48 2.10 -27.69
C TRP B 106 7.03 1.98 -27.24
N LYS B 107 6.22 3.01 -27.48
CA LYS B 107 4.81 2.95 -27.11
C LYS B 107 4.07 1.84 -27.84
N ARG B 108 4.45 1.56 -29.09
CA ARG B 108 3.85 0.46 -29.83
C ARG B 108 4.25 -0.88 -29.22
N LEU B 109 5.51 -1.02 -28.82
CA LEU B 109 5.96 -2.26 -28.22
C LEU B 109 5.50 -2.40 -26.77
N ARG B 110 5.44 -1.28 -26.04
CA ARG B 110 4.96 -1.34 -24.66
C ARG B 110 3.50 -1.76 -24.61
N SER B 111 2.67 -1.22 -25.50
CA SER B 111 1.26 -1.61 -25.55
C SER B 111 1.07 -2.99 -26.15
N LEU B 112 2.06 -3.52 -26.86
CA LEU B 112 1.96 -4.83 -27.48
C LEU B 112 2.37 -5.94 -26.53
N LEU B 113 3.27 -5.65 -25.59
CA LEU B 113 3.71 -6.63 -24.61
C LEU B 113 3.10 -6.40 -23.23
N SER B 114 2.17 -5.46 -23.09
CA SER B 114 1.52 -5.25 -21.80
C SER B 114 0.57 -6.39 -21.44
N PRO B 115 -0.26 -6.95 -22.37
CA PRO B 115 -1.17 -8.03 -21.95
C PRO B 115 -0.46 -9.33 -21.61
N THR B 116 0.87 -9.33 -21.68
CA THR B 116 1.62 -10.54 -21.34
C THR B 116 1.50 -10.87 -19.86
N PHE B 117 1.47 -9.86 -18.99
CA PHE B 117 1.46 -10.09 -17.55
C PHE B 117 0.24 -9.49 -16.88
N THR B 118 -0.95 -9.84 -17.34
CA THR B 118 -2.17 -9.42 -16.67
C THR B 118 -2.50 -10.40 -15.54
N SER B 119 -3.48 -10.02 -14.72
CA SER B 119 -3.87 -10.88 -13.60
C SER B 119 -4.45 -12.20 -14.08
N GLY B 120 -5.06 -12.22 -15.26
CA GLY B 120 -5.56 -13.45 -15.83
C GLY B 120 -4.46 -14.31 -16.41
N LYS B 121 -3.53 -13.68 -17.13
CA LYS B 121 -2.40 -14.42 -17.69
C LYS B 121 -1.46 -14.90 -16.59
N LEU B 122 -1.26 -14.08 -15.56
CA LEU B 122 -0.42 -14.50 -14.43
C LEU B 122 -1.06 -15.66 -13.67
N LYS B 123 -2.38 -15.69 -13.60
CA LYS B 123 -3.06 -16.82 -12.94
C LYS B 123 -2.88 -18.10 -13.72
N GLU B 124 -2.75 -18.01 -15.05
CA GLU B 124 -2.52 -19.20 -15.86
C GLU B 124 -1.11 -19.74 -15.69
N MET B 125 -0.15 -18.89 -15.31
CA MET B 125 1.24 -19.32 -15.19
C MET B 125 1.51 -20.07 -13.89
N VAL B 126 0.60 -19.99 -12.91
CA VAL B 126 0.83 -20.65 -11.63
C VAL B 126 0.91 -22.16 -11.78
N PRO B 127 0.00 -22.84 -12.49
CA PRO B 127 0.17 -24.29 -12.68
C PRO B 127 1.43 -24.66 -13.44
N ILE B 128 1.89 -23.80 -14.35
CA ILE B 128 3.11 -24.08 -15.11
C ILE B 128 4.32 -24.02 -14.19
N ILE B 129 4.41 -22.97 -13.37
CA ILE B 129 5.53 -22.84 -12.45
C ILE B 129 5.44 -23.89 -11.34
N ALA B 130 4.22 -24.35 -11.01
CA ALA B 130 4.07 -25.37 -9.99
C ALA B 130 4.77 -26.67 -10.38
N GLN B 131 4.88 -26.94 -11.68
CA GLN B 131 5.62 -28.12 -12.13
C GLN B 131 7.12 -27.95 -11.87
N TYR B 132 7.67 -26.81 -12.25
CA TYR B 132 9.10 -26.55 -12.05
C TYR B 132 9.45 -26.37 -10.59
N GLY B 133 8.47 -26.06 -9.73
CA GLY B 133 8.73 -25.97 -8.32
C GLY B 133 9.00 -27.31 -7.66
N ASP B 134 8.57 -28.41 -8.29
CA ASP B 134 8.81 -29.73 -7.72
C ASP B 134 10.20 -30.25 -8.10
N VAL B 135 10.64 -30.01 -9.34
CA VAL B 135 11.98 -30.41 -9.74
C VAL B 135 13.03 -29.61 -8.97
N LEU B 136 12.71 -28.37 -8.61
CA LEU B 136 13.62 -27.57 -7.79
C LEU B 136 13.80 -28.20 -6.41
N VAL B 137 12.71 -28.71 -5.82
CA VAL B 137 12.81 -29.38 -4.52
C VAL B 137 13.55 -30.71 -4.66
N ARG B 138 13.33 -31.41 -5.78
CA ARG B 138 13.97 -32.71 -5.98
C ARG B 138 15.47 -32.57 -6.19
N ASN B 139 15.89 -31.56 -6.97
CA ASN B 139 17.32 -31.35 -7.18
C ASN B 139 18.00 -30.81 -5.93
N LEU B 140 17.29 -30.00 -5.13
CA LEU B 140 17.85 -29.55 -3.87
C LEU B 140 17.86 -30.66 -2.82
N ARG B 141 16.99 -31.66 -2.95
CA ARG B 141 17.01 -32.78 -2.02
C ARG B 141 18.22 -33.67 -2.23
N ARG B 142 18.71 -33.76 -3.48
CA ARG B 142 19.94 -34.50 -3.73
C ARG B 142 21.13 -33.83 -3.08
N GLU B 143 21.18 -32.49 -3.11
CA GLU B 143 22.24 -31.74 -2.47
C GLU B 143 22.00 -31.52 -0.98
N ALA B 144 20.85 -31.95 -0.46
CA ALA B 144 20.55 -31.89 0.97
C ALA B 144 20.90 -33.18 1.70
N GLU B 145 20.57 -34.33 1.11
CA GLU B 145 20.94 -35.60 1.72
C GLU B 145 22.45 -35.80 1.71
N THR B 146 23.14 -35.25 0.72
CA THR B 146 24.59 -35.23 0.67
C THR B 146 25.05 -33.88 1.18
N GLY B 147 25.88 -33.89 2.22
CA GLY B 147 26.44 -32.66 2.76
C GLY B 147 27.26 -32.12 1.61
N LYS B 148 26.73 -31.12 0.90
CA LYS B 148 27.49 -30.35 -0.07
C LYS B 148 26.94 -28.93 -0.17
N PRO B 149 27.78 -27.90 0.00
CA PRO B 149 27.29 -26.53 -0.18
C PRO B 149 26.78 -26.32 -1.60
N VAL B 150 25.65 -25.62 -1.71
CA VAL B 150 24.94 -25.46 -2.97
C VAL B 150 25.23 -24.08 -3.53
N THR B 151 25.70 -24.03 -4.78
CA THR B 151 25.78 -22.79 -5.52
C THR B 151 24.36 -22.39 -5.92
N LEU B 152 23.79 -21.42 -5.22
CA LEU B 152 22.37 -21.15 -5.34
C LEU B 152 22.01 -20.55 -6.70
N LYS B 153 22.83 -19.61 -7.19
CA LYS B 153 22.55 -19.01 -8.49
C LYS B 153 22.52 -20.04 -9.60
N ASP B 154 23.24 -21.15 -9.44
CA ASP B 154 23.23 -22.22 -10.43
C ASP B 154 21.85 -22.87 -10.51
N VAL B 155 21.36 -23.42 -9.39
CA VAL B 155 20.09 -24.13 -9.41
C VAL B 155 18.92 -23.16 -9.57
N PHE B 156 19.05 -21.94 -9.04
CA PHE B 156 18.01 -20.93 -9.26
C PHE B 156 18.01 -20.45 -10.71
N GLY B 157 19.19 -20.38 -11.33
CA GLY B 157 19.24 -20.02 -12.74
C GLY B 157 18.60 -21.06 -13.63
N ALA B 158 18.69 -22.34 -13.26
CA ALA B 158 18.00 -23.38 -14.02
C ALA B 158 16.49 -23.31 -13.80
N TYR B 159 16.07 -23.01 -12.57
CA TYR B 159 14.64 -22.83 -12.30
C TYR B 159 14.11 -21.57 -12.99
N SER B 160 14.88 -20.49 -12.95
CA SER B 160 14.46 -19.25 -13.60
C SER B 160 14.44 -19.36 -15.12
N MET B 161 15.24 -20.26 -15.69
CA MET B 161 15.26 -20.43 -17.14
C MET B 161 14.04 -21.20 -17.64
N ASP B 162 13.60 -22.20 -16.88
CA ASP B 162 12.45 -23.00 -17.31
C ASP B 162 11.15 -22.19 -17.25
N VAL B 163 11.04 -21.27 -16.29
CA VAL B 163 9.80 -20.52 -16.14
C VAL B 163 9.59 -19.57 -17.31
N ILE B 164 10.62 -18.78 -17.65
CA ILE B 164 10.47 -17.79 -18.70
C ILE B 164 10.41 -18.43 -20.09
N THR B 165 10.99 -19.62 -20.24
CA THR B 165 10.90 -20.32 -21.53
C THR B 165 9.59 -21.07 -21.71
N SER B 166 8.83 -21.28 -20.65
CA SER B 166 7.54 -21.95 -20.72
C SER B 166 6.37 -20.98 -20.61
N THR B 167 6.42 -20.05 -19.66
CA THR B 167 5.36 -19.06 -19.51
C THR B 167 5.35 -18.01 -20.61
N SER B 168 6.31 -18.05 -21.54
CA SER B 168 6.37 -17.11 -22.64
C SER B 168 6.41 -17.76 -24.01
N PHE B 169 6.81 -19.03 -24.11
CA PHE B 169 6.86 -19.74 -25.38
C PHE B 169 6.17 -21.09 -25.37
N GLY B 170 5.92 -21.69 -24.20
CA GLY B 170 5.31 -23.00 -24.14
C GLY B 170 6.24 -24.15 -24.47
N VAL B 171 7.54 -23.91 -24.53
CA VAL B 171 8.52 -24.93 -24.87
C VAL B 171 9.25 -25.36 -23.60
N ASN B 172 9.55 -26.65 -23.50
CA ASN B 172 10.23 -27.21 -22.34
C ASN B 172 11.68 -27.49 -22.69
N ILE B 173 12.60 -26.86 -21.96
CA ILE B 173 14.03 -27.06 -22.19
C ILE B 173 14.69 -27.88 -21.08
N ASP B 174 14.04 -28.03 -19.93
CA ASP B 174 14.52 -28.86 -18.81
C ASP B 174 15.79 -28.32 -18.15
N PRO B 179 22.74 -30.09 -16.82
CA PRO B 179 23.29 -28.92 -16.12
C PRO B 179 24.04 -27.99 -17.07
N GLN B 180 24.27 -28.47 -18.29
CA GLN B 180 24.98 -27.67 -19.30
C GLN B 180 24.04 -27.28 -20.44
N ASP B 181 22.85 -26.81 -20.09
CA ASP B 181 21.87 -26.39 -21.08
C ASP B 181 22.42 -25.22 -21.89
N PRO B 182 22.45 -25.31 -23.23
CA PRO B 182 23.09 -24.25 -24.03
C PRO B 182 22.40 -22.90 -23.90
N PHE B 183 21.15 -22.85 -23.44
CA PHE B 183 20.50 -21.56 -23.24
C PHE B 183 21.10 -20.83 -22.05
N VAL B 184 21.12 -21.48 -20.88
CA VAL B 184 21.71 -20.86 -19.70
C VAL B 184 23.17 -20.52 -19.94
N GLU B 185 23.88 -21.37 -20.70
CA GLU B 185 25.28 -21.10 -21.01
C GLU B 185 25.41 -19.88 -21.93
N ASN B 186 24.48 -19.72 -22.88
CA ASN B 186 24.54 -18.58 -23.78
C ASN B 186 23.95 -17.33 -23.17
N THR B 187 22.86 -17.47 -22.41
CA THR B 187 22.21 -16.31 -21.81
C THR B 187 23.08 -15.68 -20.74
N LYS B 188 23.95 -16.46 -20.08
CA LYS B 188 24.77 -15.92 -19.01
C LYS B 188 25.96 -15.13 -19.53
N LYS B 189 26.46 -15.45 -20.73
CA LYS B 189 27.64 -14.77 -21.26
C LYS B 189 27.30 -13.51 -22.04
N LEU B 190 26.22 -12.83 -21.68
CA LEU B 190 26.09 -11.41 -21.94
C LEU B 190 26.76 -10.58 -20.87
N LEU B 191 27.31 -11.23 -19.85
CA LEU B 191 28.07 -10.58 -18.80
C LEU B 191 29.40 -10.07 -19.34
N PRO B 198 33.24 -3.89 -19.09
CA PRO B 198 34.51 -4.42 -19.60
C PRO B 198 35.26 -3.55 -20.59
N PHE B 199 34.73 -3.41 -21.80
CA PHE B 199 35.35 -2.60 -22.83
C PHE B 199 34.50 -1.35 -23.02
N PHE B 200 33.32 -1.35 -22.40
CA PHE B 200 32.41 -0.21 -22.49
C PHE B 200 33.11 1.10 -22.12
N LEU B 201 34.21 0.99 -21.38
CA LEU B 201 34.97 2.16 -20.96
C LEU B 201 35.15 3.10 -22.14
N SER B 202 35.09 2.56 -23.35
CA SER B 202 35.25 3.34 -24.56
C SER B 202 33.98 4.08 -25.00
N ILE B 203 32.83 3.42 -24.92
CA ILE B 203 31.59 4.04 -25.39
C ILE B 203 31.21 5.23 -24.54
N THR B 204 31.51 5.18 -23.24
CA THR B 204 31.33 6.35 -22.39
C THR B 204 32.25 7.48 -22.82
N VAL B 205 33.43 7.15 -23.34
CA VAL B 205 34.41 8.15 -23.75
C VAL B 205 34.37 8.43 -25.25
N PHE B 206 33.83 7.52 -26.06
CA PHE B 206 33.64 7.74 -27.49
C PHE B 206 32.17 7.53 -27.83
N PRO B 207 31.30 8.48 -27.49
CA PRO B 207 29.92 8.40 -27.99
C PRO B 207 29.82 8.62 -29.48
N PHE B 208 30.85 9.23 -30.09
CA PHE B 208 30.89 9.41 -31.53
C PHE B 208 31.28 8.14 -32.27
N LEU B 209 31.83 7.14 -31.57
CA LEU B 209 32.13 5.86 -32.19
C LEU B 209 30.90 4.96 -32.29
N ILE B 210 29.78 5.33 -31.67
CA ILE B 210 28.56 4.56 -31.82
C ILE B 210 28.07 4.54 -33.26
N PRO B 211 27.94 5.68 -33.96
CA PRO B 211 27.57 5.62 -35.38
C PRO B 211 28.68 5.10 -36.28
N ILE B 212 29.92 5.02 -35.78
CA ILE B 212 30.98 4.41 -36.56
C ILE B 212 30.70 2.93 -36.78
N LEU B 213 30.01 2.29 -35.84
CA LEU B 213 29.74 0.87 -35.91
C LEU B 213 28.31 0.56 -36.34
N GLU B 214 27.43 1.57 -36.41
CA GLU B 214 26.05 1.35 -36.83
C GLU B 214 25.96 1.19 -38.34
N VAL B 215 26.24 2.26 -39.07
CA VAL B 215 26.18 2.25 -40.53
C VAL B 215 27.11 1.19 -41.12
N LEU B 216 28.14 0.78 -40.38
CA LEU B 216 29.05 -0.27 -40.80
C LEU B 216 28.74 -1.62 -40.14
N ASN B 217 27.71 -1.66 -39.28
CA ASN B 217 27.11 -2.91 -38.80
C ASN B 217 28.09 -3.68 -37.91
N ILE B 218 28.44 -3.06 -36.79
CA ILE B 218 29.20 -3.70 -35.72
C ILE B 218 28.39 -3.57 -34.45
N CYS B 219 28.47 -4.59 -33.59
CA CYS B 219 27.65 -4.68 -32.39
C CYS B 219 28.54 -4.87 -31.17
N VAL B 220 27.91 -4.87 -30.00
CA VAL B 220 28.60 -5.10 -28.73
C VAL B 220 28.31 -6.51 -28.25
N PHE B 221 27.11 -7.00 -28.52
CA PHE B 221 26.76 -8.35 -28.11
C PHE B 221 27.51 -9.36 -28.98
N PRO B 222 28.07 -10.42 -28.39
CA PRO B 222 28.76 -11.43 -29.21
C PRO B 222 27.80 -12.07 -30.21
N ARG B 223 28.33 -12.33 -31.41
CA ARG B 223 27.48 -12.83 -32.49
C ARG B 223 26.88 -14.19 -32.16
N GLU B 224 27.60 -15.03 -31.40
CA GLU B 224 27.12 -16.39 -31.17
C GLU B 224 25.93 -16.41 -30.23
N VAL B 225 25.90 -15.53 -29.22
CA VAL B 225 24.76 -15.51 -28.31
C VAL B 225 23.51 -14.94 -28.98
N THR B 226 23.69 -14.19 -30.07
CA THR B 226 22.56 -13.65 -30.82
C THR B 226 22.15 -14.55 -31.97
N ASN B 227 23.13 -15.12 -32.69
CA ASN B 227 22.81 -16.01 -33.79
C ASN B 227 22.13 -17.29 -33.31
N PHE B 228 22.51 -17.77 -32.11
CA PHE B 228 21.83 -18.92 -31.54
C PHE B 228 20.40 -18.57 -31.14
N LEU B 229 20.22 -17.48 -30.39
CA LEU B 229 18.89 -17.08 -29.96
C LEU B 229 18.01 -16.68 -31.14
N ARG B 230 18.59 -16.10 -32.19
CA ARG B 230 17.81 -15.81 -33.39
C ARG B 230 17.36 -17.10 -34.06
N LYS B 231 18.18 -18.15 -33.99
CA LYS B 231 17.80 -19.44 -34.56
C LYS B 231 16.91 -20.23 -33.62
N SER B 232 17.01 -19.99 -32.31
CA SER B 232 16.16 -20.69 -31.36
C SER B 232 14.72 -20.16 -31.41
N VAL B 233 14.56 -18.84 -31.55
CA VAL B 233 13.22 -18.28 -31.68
C VAL B 233 12.55 -18.77 -32.95
N LYS B 234 13.32 -18.98 -34.02
CA LYS B 234 12.75 -19.55 -35.24
C LYS B 234 12.29 -20.98 -35.03
N ARG B 235 13.04 -21.76 -34.24
CA ARG B 235 12.56 -23.08 -33.85
C ARG B 235 11.36 -22.98 -32.93
N MET B 236 11.28 -21.92 -32.12
CA MET B 236 10.10 -21.70 -31.29
C MET B 236 8.88 -21.30 -32.12
N LYS B 237 9.09 -20.89 -33.37
CA LYS B 237 7.99 -20.43 -34.22
C LYS B 237 7.24 -21.62 -34.83
N GLU B 238 6.60 -22.38 -33.94
CA GLU B 238 5.83 -23.56 -34.32
C GLU B 238 4.41 -23.12 -34.62
N SER B 239 4.17 -22.74 -35.87
CA SER B 239 2.85 -22.28 -36.29
C SER B 239 2.00 -23.45 -36.81
N VAL B 249 -2.58 -18.95 -25.04
CA VAL B 249 -2.12 -17.58 -25.27
C VAL B 249 -0.81 -17.35 -24.54
N ASP B 250 0.27 -17.22 -25.31
CA ASP B 250 1.61 -17.06 -24.76
C ASP B 250 2.15 -15.67 -25.09
N PHE B 251 3.32 -15.37 -24.53
CA PHE B 251 4.04 -14.16 -24.93
C PHE B 251 4.46 -14.22 -26.39
N LEU B 252 4.75 -15.42 -26.89
CA LEU B 252 5.02 -15.60 -28.32
C LEU B 252 3.74 -15.55 -29.14
N GLN B 253 2.65 -16.11 -28.61
CA GLN B 253 1.38 -16.11 -29.34
C GLN B 253 0.84 -14.69 -29.49
N LEU B 254 1.17 -13.79 -28.57
CA LEU B 254 0.74 -12.40 -28.69
C LEU B 254 1.47 -11.70 -29.82
N MET B 255 2.75 -12.02 -30.02
CA MET B 255 3.55 -11.33 -31.02
C MET B 255 3.28 -11.80 -32.44
N ILE B 256 2.65 -12.96 -32.61
CA ILE B 256 2.25 -13.41 -33.94
C ILE B 256 0.86 -12.92 -34.29
N ASP B 257 -0.06 -12.92 -33.32
CA ASP B 257 -1.38 -12.36 -33.55
C ASP B 257 -1.31 -10.85 -33.80
N SER B 258 -0.34 -10.17 -33.21
CA SER B 258 -0.10 -8.76 -33.48
C SER B 258 0.72 -8.55 -34.74
N GLN B 259 1.15 -9.62 -35.40
CA GLN B 259 1.90 -9.55 -36.66
C GLN B 259 1.00 -9.69 -37.88
N ASN B 260 0.13 -10.69 -37.87
CA ASN B 260 -0.82 -10.93 -38.97
C ASN B 260 -0.11 -11.08 -40.32
N ALA B 269 2.42 -3.10 -37.03
CA ALA B 269 3.05 -4.18 -37.79
C ALA B 269 4.38 -4.59 -37.17
N LEU B 270 4.45 -5.82 -36.67
CA LEU B 270 5.64 -6.35 -36.03
C LEU B 270 6.47 -7.16 -37.02
N SER B 271 7.77 -6.93 -37.01
CA SER B 271 8.68 -7.62 -37.92
C SER B 271 9.17 -8.93 -37.29
N ASP B 272 9.71 -9.80 -38.14
CA ASP B 272 10.25 -11.07 -37.65
C ASP B 272 11.54 -10.86 -36.88
N LEU B 273 12.39 -9.93 -37.32
CA LEU B 273 13.63 -9.67 -36.60
C LEU B 273 13.36 -8.88 -35.32
N GLU B 274 12.35 -8.02 -35.32
CA GLU B 274 11.96 -7.35 -34.08
C GLU B 274 11.38 -8.33 -33.08
N LEU B 275 10.75 -9.41 -33.55
CA LEU B 275 10.24 -10.44 -32.64
C LEU B 275 11.35 -11.14 -31.90
N VAL B 276 12.51 -11.31 -32.53
CA VAL B 276 13.63 -11.98 -31.88
C VAL B 276 14.22 -11.09 -30.79
N ALA B 277 14.26 -9.78 -31.03
CA ALA B 277 14.88 -8.87 -30.07
C ALA B 277 14.10 -8.83 -28.77
N GLN B 278 12.76 -8.89 -28.84
CA GLN B 278 11.97 -8.86 -27.62
C GLN B 278 12.10 -10.16 -26.83
N SER B 279 12.36 -11.28 -27.52
CA SER B 279 12.53 -12.54 -26.83
C SER B 279 13.83 -12.56 -26.03
N ILE B 280 14.91 -12.02 -26.59
CA ILE B 280 16.19 -12.00 -25.89
C ILE B 280 16.10 -11.20 -24.61
N ILE B 281 15.34 -10.10 -24.64
CA ILE B 281 15.15 -9.30 -23.43
C ILE B 281 14.35 -10.08 -22.39
N PHE B 282 13.30 -10.76 -22.83
CA PHE B 282 12.49 -11.56 -21.89
C PHE B 282 13.26 -12.76 -21.37
N ILE B 283 14.06 -13.40 -22.24
CA ILE B 283 14.84 -14.56 -21.80
C ILE B 283 15.91 -14.13 -20.80
N PHE B 284 16.59 -13.01 -21.06
CA PHE B 284 17.64 -12.55 -20.15
C PHE B 284 17.05 -12.03 -18.85
N ALA B 285 15.94 -11.30 -18.92
CA ALA B 285 15.33 -10.75 -17.71
C ALA B 285 14.74 -11.85 -16.83
N GLY B 286 14.20 -12.91 -17.44
CA GLY B 286 13.63 -13.99 -16.66
C GLY B 286 14.67 -14.89 -16.00
N TYR B 287 15.90 -14.91 -16.53
CA TYR B 287 16.98 -15.73 -16.01
C TYR B 287 17.89 -14.97 -15.04
N GLU B 288 18.42 -13.83 -15.48
CA GLU B 288 19.45 -13.15 -14.68
C GLU B 288 18.86 -12.38 -13.51
N THR B 289 17.62 -11.88 -13.62
CA THR B 289 17.06 -11.06 -12.57
C THR B 289 16.44 -11.90 -11.46
N THR B 290 15.61 -12.87 -11.81
CA THR B 290 14.91 -13.66 -10.80
C THR B 290 15.87 -14.52 -10.00
N SER B 291 16.84 -15.16 -10.67
CA SER B 291 17.76 -16.06 -9.97
C SER B 291 18.73 -15.28 -9.09
N SER B 292 19.17 -14.11 -9.52
CA SER B 292 20.12 -13.33 -8.74
C SER B 292 19.48 -12.77 -7.48
N VAL B 293 18.23 -12.30 -7.58
CA VAL B 293 17.53 -11.79 -6.40
C VAL B 293 17.19 -12.94 -5.45
N LEU B 294 16.83 -14.10 -6.01
CA LEU B 294 16.59 -15.27 -5.16
C LEU B 294 17.83 -15.65 -4.39
N SER B 295 19.01 -15.53 -5.02
CA SER B 295 20.25 -15.77 -4.29
C SER B 295 20.49 -14.71 -3.23
N PHE B 296 20.03 -13.48 -3.47
CA PHE B 296 20.16 -12.42 -2.46
C PHE B 296 19.22 -12.66 -1.29
N ILE B 297 18.07 -13.30 -1.52
CA ILE B 297 17.12 -13.53 -0.44
C ILE B 297 17.57 -14.67 0.45
N MET B 298 18.11 -15.75 -0.13
CA MET B 298 18.51 -16.90 0.69
C MET B 298 19.71 -16.56 1.58
N TYR B 299 20.60 -15.69 1.12
CA TYR B 299 21.72 -15.28 1.96
C TYR B 299 21.24 -14.56 3.20
N GLU B 300 20.26 -13.67 3.06
CA GLU B 300 19.77 -12.91 4.20
C GLU B 300 19.00 -13.81 5.17
N LEU B 301 18.25 -14.79 4.65
CA LEU B 301 17.50 -15.68 5.51
C LEU B 301 18.43 -16.61 6.29
N ALA B 302 19.52 -17.06 5.66
CA ALA B 302 20.47 -17.91 6.35
C ALA B 302 21.27 -17.13 7.38
N THR B 303 21.56 -15.86 7.11
CA THR B 303 22.27 -15.01 8.06
C THR B 303 21.35 -14.39 9.10
N HIS B 304 20.05 -14.60 8.99
CA HIS B 304 19.07 -14.13 9.98
C HIS B 304 18.14 -15.30 10.28
N PRO B 305 18.51 -16.14 11.25
CA PRO B 305 17.71 -17.36 11.51
C PRO B 305 16.29 -17.07 11.97
N ASP B 306 16.10 -16.07 12.83
CA ASP B 306 14.75 -15.76 13.31
C ASP B 306 13.86 -15.22 12.20
N VAL B 307 14.46 -14.57 11.19
CA VAL B 307 13.67 -14.10 10.06
C VAL B 307 13.27 -15.27 9.16
N GLN B 308 14.19 -16.21 8.95
CA GLN B 308 13.86 -17.40 8.15
C GLN B 308 12.88 -18.30 8.87
N GLN B 309 12.97 -18.37 10.20
CA GLN B 309 12.04 -19.20 10.96
C GLN B 309 10.63 -18.63 10.93
N LYS B 310 10.49 -17.31 11.12
CA LYS B 310 9.18 -16.69 11.12
C LYS B 310 8.51 -16.78 9.75
N LEU B 311 9.30 -16.84 8.68
CA LEU B 311 8.72 -16.98 7.35
C LEU B 311 8.25 -18.41 7.10
N GLN B 312 8.99 -19.41 7.58
CA GLN B 312 8.56 -20.80 7.42
C GLN B 312 7.31 -21.09 8.22
N GLU B 313 7.14 -20.45 9.38
CA GLU B 313 5.94 -20.66 10.18
C GLU B 313 4.71 -20.10 9.49
N GLU B 314 4.85 -18.92 8.86
CA GLU B 314 3.73 -18.33 8.13
C GLU B 314 3.37 -19.15 6.90
N ILE B 315 4.38 -19.68 6.20
CA ILE B 315 4.12 -20.51 5.03
C ILE B 315 3.39 -21.79 5.44
N ASP B 316 3.80 -22.39 6.56
CA ASP B 316 3.13 -23.58 7.06
C ASP B 316 1.72 -23.30 7.55
N ALA B 317 1.43 -22.05 7.94
CA ALA B 317 0.10 -21.70 8.40
C ALA B 317 -0.86 -21.48 7.22
N VAL B 318 -0.43 -20.70 6.23
CA VAL B 318 -1.27 -20.45 5.07
C VAL B 318 -1.34 -21.69 4.19
N LEU B 319 -0.27 -22.46 4.12
CA LEU B 319 -0.21 -23.68 3.30
C LEU B 319 0.28 -24.83 4.15
N PRO B 320 -0.61 -25.51 4.87
CA PRO B 320 -0.21 -26.68 5.65
C PRO B 320 -0.06 -27.91 4.79
N ASN B 321 0.63 -28.90 5.36
CA ASN B 321 0.90 -30.18 4.69
C ASN B 321 1.60 -30.00 3.34
N LYS B 322 2.41 -28.94 3.24
CA LYS B 322 3.13 -28.61 2.00
C LYS B 322 2.16 -28.49 0.83
N ALA B 323 1.09 -27.73 1.05
CA ALA B 323 0.06 -27.57 0.03
C ALA B 323 0.60 -26.76 -1.16
N PRO B 324 0.19 -27.08 -2.38
CA PRO B 324 0.64 -26.32 -3.54
C PRO B 324 0.15 -24.89 -3.48
N PRO B 325 1.03 -23.92 -3.74
CA PRO B 325 0.63 -22.52 -3.67
C PRO B 325 -0.21 -22.09 -4.86
N THR B 326 -1.12 -21.16 -4.59
CA THR B 326 -1.98 -20.58 -5.61
C THR B 326 -1.70 -19.08 -5.71
N TYR B 327 -2.35 -18.44 -6.70
CA TYR B 327 -2.17 -17.01 -6.87
C TYR B 327 -2.69 -16.23 -5.67
N ASP B 328 -3.74 -16.73 -5.02
CA ASP B 328 -4.30 -16.04 -3.86
C ASP B 328 -3.43 -16.23 -2.62
N THR B 329 -2.86 -17.42 -2.45
CA THR B 329 -2.02 -17.67 -1.28
C THR B 329 -0.67 -17.00 -1.37
N VAL B 330 -0.20 -16.69 -2.58
CA VAL B 330 1.08 -15.99 -2.72
C VAL B 330 0.94 -14.54 -2.25
N LEU B 331 -0.13 -13.86 -2.66
CA LEU B 331 -0.35 -12.48 -2.25
C LEU B 331 -0.77 -12.37 -0.79
N GLN B 332 -1.30 -13.45 -0.20
CA GLN B 332 -1.76 -13.40 1.18
C GLN B 332 -0.59 -13.34 2.15
N MET B 333 0.50 -14.06 1.86
CA MET B 333 1.67 -14.08 2.72
C MET B 333 2.31 -12.70 2.72
N GLU B 334 2.08 -11.94 3.79
CA GLU B 334 2.59 -10.57 3.85
C GLU B 334 4.04 -10.53 4.31
N TYR B 335 4.41 -11.38 5.28
CA TYR B 335 5.80 -11.43 5.72
C TYR B 335 6.71 -11.91 4.59
N LEU B 336 6.19 -12.76 3.70
CA LEU B 336 6.94 -13.11 2.49
C LEU B 336 7.15 -11.89 1.61
N ASP B 337 6.14 -11.02 1.52
CA ASP B 337 6.30 -9.78 0.77
C ASP B 337 7.22 -8.80 1.48
N MET B 338 7.19 -8.78 2.82
CA MET B 338 8.07 -7.90 3.57
C MET B 338 9.53 -8.32 3.46
N VAL B 339 9.79 -9.61 3.23
CA VAL B 339 11.17 -10.08 3.06
C VAL B 339 11.68 -9.73 1.68
N VAL B 340 10.87 -9.93 0.64
CA VAL B 340 11.29 -9.63 -0.72
C VAL B 340 11.49 -8.13 -0.90
N ASN B 341 10.60 -7.32 -0.31
CA ASN B 341 10.73 -5.87 -0.44
C ASN B 341 11.95 -5.34 0.30
N GLU B 342 12.33 -5.98 1.40
CA GLU B 342 13.52 -5.54 2.12
C GLU B 342 14.80 -5.95 1.39
N THR B 343 14.80 -7.14 0.77
CA THR B 343 15.96 -7.56 0.00
C THR B 343 16.14 -6.70 -1.24
N LEU B 344 15.04 -6.40 -1.94
CA LEU B 344 15.11 -5.50 -3.08
C LEU B 344 15.53 -4.09 -2.68
N ARG B 345 15.28 -3.71 -1.43
CA ARG B 345 15.79 -2.43 -0.95
C ARG B 345 17.31 -2.46 -0.79
N LEU B 346 17.83 -3.53 -0.17
CA LEU B 346 19.27 -3.65 0.01
C LEU B 346 19.98 -3.96 -1.29
N PHE B 347 19.34 -4.69 -2.20
CA PHE B 347 19.96 -5.13 -3.46
C PHE B 347 19.06 -4.75 -4.63
N PRO B 348 19.07 -3.48 -5.05
CA PRO B 348 18.41 -3.11 -6.31
C PRO B 348 19.32 -3.43 -7.49
N ILE B 349 18.98 -4.51 -8.22
CA ILE B 349 19.85 -5.00 -9.28
C ILE B 349 20.04 -3.98 -10.39
N ALA B 350 19.10 -3.04 -10.56
CA ALA B 350 19.27 -1.98 -11.53
C ALA B 350 20.09 -0.82 -11.00
N MET B 351 20.16 -0.66 -9.68
CA MET B 351 21.01 0.33 -9.01
C MET B 351 20.52 1.75 -9.33
N ARG B 352 20.44 2.09 -10.61
CA ARG B 352 20.09 3.45 -11.03
C ARG B 352 18.84 3.46 -11.91
N LEU B 353 18.31 4.67 -12.08
CA LEU B 353 17.20 4.93 -13.00
C LEU B 353 17.60 6.12 -13.87
N GLU B 354 17.51 5.95 -15.19
CA GLU B 354 17.99 6.96 -16.13
C GLU B 354 16.88 7.38 -17.08
N ARG B 355 16.76 8.69 -17.28
CA ARG B 355 15.85 9.27 -18.26
C ARG B 355 16.58 10.40 -18.99
N VAL B 356 16.26 10.57 -20.25
CA VAL B 356 16.91 11.58 -21.11
C VAL B 356 15.94 12.74 -21.30
N CYS B 357 16.38 13.94 -20.94
CA CYS B 357 15.59 15.14 -21.16
C CYS B 357 15.69 15.55 -22.62
N LYS B 358 14.55 15.55 -23.32
CA LYS B 358 14.55 15.76 -24.76
C LYS B 358 14.33 17.22 -25.16
N LYS B 359 14.03 18.11 -24.21
CA LYS B 359 13.83 19.52 -24.55
C LYS B 359 13.96 20.34 -23.28
N ASP B 360 14.23 21.64 -23.48
CA ASP B 360 14.46 22.54 -22.36
C ASP B 360 13.21 22.66 -21.49
N VAL B 361 13.34 22.24 -20.23
CA VAL B 361 12.24 22.28 -19.27
C VAL B 361 12.76 22.80 -17.94
N GLU B 362 11.83 23.01 -17.02
CA GLU B 362 12.16 23.48 -15.67
C GLU B 362 11.20 22.82 -14.70
N ILE B 363 11.69 21.89 -13.90
CA ILE B 363 10.86 21.11 -12.99
C ILE B 363 11.27 21.42 -11.56
N ASN B 364 10.27 21.67 -10.71
CA ASN B 364 10.48 21.93 -9.29
C ASN B 364 11.48 23.06 -9.05
N GLY B 365 11.40 24.09 -9.90
CA GLY B 365 12.30 25.22 -9.78
C GLY B 365 13.75 24.90 -10.10
N MET B 366 14.00 24.09 -11.12
CA MET B 366 15.35 23.74 -11.52
C MET B 366 15.38 23.49 -13.02
N PHE B 367 16.30 24.16 -13.71
CA PHE B 367 16.41 24.07 -15.16
C PHE B 367 17.31 22.91 -15.55
N ILE B 368 16.83 22.08 -16.46
CA ILE B 368 17.57 20.94 -16.98
C ILE B 368 17.67 21.10 -18.49
N PRO B 369 18.86 21.28 -19.06
CA PRO B 369 18.98 21.49 -20.50
C PRO B 369 18.65 20.22 -21.28
N LYS B 370 18.43 20.40 -22.58
CA LYS B 370 18.13 19.29 -23.46
C LYS B 370 19.37 18.41 -23.65
N GLY B 371 19.20 17.11 -23.51
CA GLY B 371 20.27 16.15 -23.65
C GLY B 371 20.86 15.67 -22.35
N VAL B 372 20.61 16.38 -21.25
CA VAL B 372 21.14 15.97 -19.95
C VAL B 372 20.39 14.74 -19.46
N VAL B 373 21.14 13.70 -19.14
CA VAL B 373 20.55 12.45 -18.66
C VAL B 373 20.22 12.61 -17.17
N VAL B 374 18.94 12.64 -16.84
CA VAL B 374 18.49 12.72 -15.45
C VAL B 374 18.60 11.34 -14.83
N MET B 375 19.38 11.23 -13.76
CA MET B 375 19.65 9.97 -13.10
C MET B 375 19.06 9.96 -11.70
N ILE B 376 18.57 8.81 -11.27
CA ILE B 376 17.97 8.63 -9.95
C ILE B 376 18.70 7.49 -9.25
N PRO B 377 19.58 7.80 -8.29
CA PRO B 377 20.34 6.74 -7.61
C PRO B 377 19.46 5.90 -6.69
N SER B 378 18.95 4.78 -7.21
CA SER B 378 18.09 3.92 -6.41
C SER B 378 18.85 3.30 -5.24
N TYR B 379 20.10 2.91 -5.46
CA TYR B 379 20.89 2.32 -4.39
C TYR B 379 21.20 3.35 -3.31
N ALA B 380 21.58 4.57 -3.70
CA ALA B 380 21.92 5.58 -2.71
C ALA B 380 20.69 6.05 -1.94
N LEU B 381 19.50 5.98 -2.56
CA LEU B 381 18.29 6.41 -1.87
C LEU B 381 17.70 5.29 -1.03
N HIS B 382 17.93 4.03 -1.40
CA HIS B 382 17.46 2.92 -0.59
C HIS B 382 18.20 2.81 0.74
N ARG B 383 19.39 3.41 0.84
CA ARG B 383 20.19 3.36 2.05
C ARG B 383 20.48 4.76 2.60
N ASP B 384 19.64 5.73 2.29
CA ASP B 384 19.81 7.08 2.81
C ASP B 384 19.43 7.10 4.29
N PRO B 385 20.34 7.50 5.19
CA PRO B 385 20.01 7.52 6.62
C PRO B 385 18.86 8.46 6.98
N LYS B 386 18.50 9.40 6.10
CA LYS B 386 17.40 10.31 6.35
C LYS B 386 16.06 9.80 5.81
N TYR B 387 15.95 8.50 5.58
CA TYR B 387 14.70 7.90 5.12
C TYR B 387 14.53 6.50 5.69
N TRP B 388 15.61 5.92 6.21
CA TRP B 388 15.59 4.58 6.75
C TRP B 388 16.42 4.54 8.02
N THR B 389 15.87 3.91 9.07
CA THR B 389 16.61 3.73 10.31
C THR B 389 17.48 2.49 10.21
N GLU B 390 18.77 2.66 10.47
CA GLU B 390 19.78 1.62 10.26
C GLU B 390 19.70 1.09 8.84
N PRO B 391 20.11 1.87 7.83
CA PRO B 391 19.99 1.40 6.45
C PRO B 391 20.92 0.27 6.07
N GLU B 392 21.86 -0.10 6.95
CA GLU B 392 22.78 -1.19 6.67
C GLU B 392 22.21 -2.56 7.01
N LYS B 393 21.37 -2.66 8.03
CA LYS B 393 20.94 -3.95 8.55
C LYS B 393 19.68 -4.45 7.83
N PHE B 394 19.48 -5.76 7.90
CA PHE B 394 18.33 -6.42 7.30
C PHE B 394 17.19 -6.41 8.31
N LEU B 395 16.23 -5.50 8.11
CA LEU B 395 15.10 -5.34 9.00
C LEU B 395 13.81 -5.36 8.19
N PRO B 396 13.11 -6.50 8.13
CA PRO B 396 11.84 -6.55 7.38
C PRO B 396 10.74 -5.71 7.99
N GLU B 397 10.91 -5.21 9.22
CA GLU B 397 9.87 -4.42 9.88
C GLU B 397 9.63 -3.07 9.20
N ARG B 398 10.47 -2.67 8.26
CA ARG B 398 10.26 -1.41 7.55
C ARG B 398 9.03 -1.50 6.65
N PHE B 399 8.85 -2.63 5.97
CA PHE B 399 7.77 -2.81 5.01
C PHE B 399 6.52 -3.41 5.63
N SER B 400 6.40 -3.39 6.95
CA SER B 400 5.16 -3.83 7.59
C SER B 400 4.07 -2.79 7.36
N LYS B 401 2.82 -3.26 7.33
CA LYS B 401 1.68 -2.37 7.13
C LYS B 401 1.61 -1.28 8.20
N LYS B 402 2.20 -1.52 9.37
CA LYS B 402 2.28 -0.49 10.39
C LYS B 402 3.30 0.58 10.04
N ASN B 403 4.40 0.19 9.39
CA ASN B 403 5.49 1.12 9.11
C ASN B 403 5.66 1.45 7.63
N LYS B 404 4.97 0.76 6.73
CA LYS B 404 5.14 1.04 5.30
C LYS B 404 4.56 2.39 4.91
N ASP B 405 3.72 2.99 5.76
CA ASP B 405 3.20 4.32 5.49
C ASP B 405 4.26 5.41 5.63
N ASN B 406 5.44 5.08 6.16
CA ASN B 406 6.55 6.01 6.27
C ASN B 406 7.56 5.86 5.15
N ILE B 407 7.23 5.11 4.10
CA ILE B 407 8.13 4.83 3.00
C ILE B 407 7.65 5.60 1.78
N ASP B 408 8.53 6.44 1.22
CA ASP B 408 8.20 7.18 0.02
C ASP B 408 8.30 6.26 -1.20
N PRO B 409 7.24 6.14 -2.01
CA PRO B 409 7.31 5.23 -3.15
C PRO B 409 8.31 5.66 -4.22
N TYR B 410 8.74 6.92 -4.23
CA TYR B 410 9.73 7.40 -5.18
C TYR B 410 11.15 7.38 -4.62
N ILE B 411 11.31 7.07 -3.35
CA ILE B 411 12.64 6.80 -2.79
C ILE B 411 12.97 5.32 -2.90
N TYR B 412 12.00 4.45 -2.63
CA TYR B 412 12.14 3.01 -2.79
C TYR B 412 11.58 2.64 -4.17
N THR B 413 12.46 2.55 -5.16
CA THR B 413 12.08 2.22 -6.53
C THR B 413 12.92 1.04 -7.01
N PRO B 414 12.55 -0.18 -6.62
CA PRO B 414 13.31 -1.36 -7.08
C PRO B 414 12.97 -1.71 -8.53
N PHE B 415 11.75 -1.39 -8.95
CA PHE B 415 11.30 -1.65 -10.32
C PHE B 415 11.08 -0.37 -11.11
N GLY B 416 11.56 0.77 -10.61
CA GLY B 416 11.29 2.03 -11.26
C GLY B 416 9.89 2.52 -10.97
N SER B 417 9.43 3.45 -11.80
CA SER B 417 8.10 4.03 -11.66
C SER B 417 7.70 4.67 -12.98
N GLY B 418 6.43 5.04 -13.06
CA GLY B 418 5.90 5.71 -14.22
C GLY B 418 5.50 4.77 -15.33
N PRO B 419 5.16 5.32 -16.50
CA PRO B 419 4.77 4.45 -17.63
C PRO B 419 5.89 3.57 -18.14
N ARG B 420 7.15 3.88 -17.82
CA ARG B 420 8.26 3.07 -18.28
C ARG B 420 8.96 2.42 -17.09
N ASN B 421 8.21 1.69 -16.26
CA ASN B 421 8.78 0.94 -15.16
C ASN B 421 9.02 -0.50 -15.62
N CYS B 422 9.29 -1.39 -14.68
CA CYS B 422 9.50 -2.79 -15.00
C CYS B 422 8.17 -3.42 -15.42
N ILE B 423 8.06 -3.76 -16.71
CA ILE B 423 6.81 -4.35 -17.20
C ILE B 423 6.63 -5.75 -16.63
N GLY B 424 7.72 -6.41 -16.25
CA GLY B 424 7.64 -7.72 -15.64
C GLY B 424 7.78 -7.67 -14.13
N MET B 425 7.35 -6.57 -13.53
CA MET B 425 7.43 -6.43 -12.07
C MET B 425 6.53 -7.43 -11.38
N ARG B 426 5.25 -7.47 -11.76
CA ARG B 426 4.31 -8.39 -11.13
C ARG B 426 4.62 -9.84 -11.48
N PHE B 427 5.28 -10.07 -12.62
CA PHE B 427 5.71 -11.43 -12.97
C PHE B 427 6.93 -11.85 -12.18
N ALA B 428 7.87 -10.92 -11.95
CA ALA B 428 9.07 -11.26 -11.19
C ALA B 428 8.75 -11.48 -9.71
N LEU B 429 7.90 -10.63 -9.14
CA LEU B 429 7.53 -10.79 -7.74
C LEU B 429 6.76 -12.10 -7.51
N MET B 430 6.02 -12.55 -8.52
CA MET B 430 5.28 -13.81 -8.38
C MET B 430 6.21 -15.02 -8.49
N ASN B 431 7.14 -15.00 -9.46
CA ASN B 431 8.00 -16.17 -9.67
C ASN B 431 8.98 -16.35 -8.52
N MET B 432 9.49 -15.26 -7.96
CA MET B 432 10.43 -15.38 -6.85
C MET B 432 9.74 -15.87 -5.58
N LYS B 433 8.49 -15.44 -5.36
CA LYS B 433 7.76 -15.91 -4.18
C LYS B 433 7.33 -17.36 -4.33
N LEU B 434 6.99 -17.79 -5.55
CA LEU B 434 6.66 -19.19 -5.77
C LEU B 434 7.85 -20.11 -5.46
N ALA B 435 9.07 -19.63 -5.72
CA ALA B 435 10.25 -20.41 -5.36
C ALA B 435 10.51 -20.36 -3.87
N LEU B 436 10.28 -19.22 -3.23
CA LEU B 436 10.49 -19.11 -1.79
C LEU B 436 9.50 -19.98 -1.02
N ILE B 437 8.26 -20.08 -1.49
CA ILE B 437 7.27 -20.89 -0.80
C ILE B 437 7.59 -22.37 -0.95
N ARG B 438 7.83 -22.82 -2.19
CA ARG B 438 8.01 -24.24 -2.45
C ARG B 438 9.29 -24.80 -1.84
N VAL B 439 10.30 -23.96 -1.60
CA VAL B 439 11.55 -24.44 -1.03
C VAL B 439 11.54 -24.38 0.48
N LEU B 440 11.01 -23.30 1.07
CA LEU B 440 10.95 -23.20 2.52
C LEU B 440 10.00 -24.20 3.14
N GLN B 441 9.12 -24.81 2.34
CA GLN B 441 8.26 -25.88 2.85
C GLN B 441 9.03 -27.18 3.09
N ASN B 442 10.21 -27.33 2.49
CA ASN B 442 10.94 -28.58 2.53
C ASN B 442 12.36 -28.48 3.06
N PHE B 443 12.97 -27.29 3.08
CA PHE B 443 14.37 -27.16 3.48
C PHE B 443 14.56 -25.92 4.34
N SER B 444 15.70 -25.90 5.02
CA SER B 444 16.19 -24.74 5.75
C SER B 444 17.61 -24.45 5.27
N PHE B 445 18.01 -23.18 5.39
CA PHE B 445 19.29 -22.72 4.85
C PHE B 445 20.16 -22.18 5.96
N LYS B 446 21.40 -22.67 6.03
CA LYS B 446 22.37 -22.27 7.03
C LYS B 446 23.68 -21.90 6.34
N PRO B 447 24.45 -20.98 6.92
CA PRO B 447 25.74 -20.60 6.33
C PRO B 447 26.74 -21.74 6.43
N CYS B 448 27.77 -21.66 5.59
CA CYS B 448 28.86 -22.62 5.55
C CYS B 448 30.16 -21.95 5.98
N LYS B 449 31.27 -22.68 5.82
CA LYS B 449 32.58 -22.08 6.07
C LYS B 449 32.97 -21.12 4.95
N GLU B 450 32.70 -21.50 3.70
CA GLU B 450 33.05 -20.69 2.54
C GLU B 450 32.02 -19.60 2.23
N THR B 451 30.93 -19.54 2.97
CA THR B 451 29.92 -18.50 2.75
C THR B 451 30.51 -17.14 3.11
N GLN B 452 30.61 -16.26 2.12
CA GLN B 452 31.20 -14.94 2.31
C GLN B 452 30.31 -14.10 3.20
N ILE B 453 30.67 -14.01 4.47
CA ILE B 453 29.93 -13.22 5.46
C ILE B 453 30.89 -12.17 6.02
N PRO B 454 30.63 -10.87 5.81
CA PRO B 454 29.48 -10.35 5.07
C PRO B 454 29.63 -10.45 3.56
N LEU B 455 28.51 -10.49 2.85
CA LEU B 455 28.53 -10.58 1.39
C LEU B 455 29.05 -9.28 0.80
N LYS B 456 30.19 -9.34 0.12
CA LYS B 456 30.75 -8.18 -0.56
C LYS B 456 30.23 -8.13 -1.98
N LEU B 457 29.55 -7.05 -2.33
CA LEU B 457 29.08 -6.85 -3.69
C LEU B 457 30.25 -6.69 -4.64
N SER B 458 30.05 -7.08 -5.89
CA SER B 458 31.09 -6.94 -6.90
C SER B 458 31.38 -5.46 -7.14
N LEU B 459 32.63 -5.07 -6.93
CA LEU B 459 33.07 -3.69 -7.13
C LEU B 459 33.07 -3.27 -8.60
N GLY B 460 32.59 -4.11 -9.51
CA GLY B 460 32.55 -3.77 -10.92
C GLY B 460 31.27 -3.05 -11.32
N GLY B 461 30.61 -3.56 -12.36
CA GLY B 461 29.44 -2.89 -12.90
C GLY B 461 28.08 -3.28 -12.35
N LEU B 462 27.56 -4.43 -12.79
CA LEU B 462 26.22 -4.86 -12.41
C LEU B 462 26.29 -5.35 -10.97
N LEU B 463 25.10 -5.42 -10.34
CA LEU B 463 25.00 -5.77 -8.93
C LEU B 463 25.07 -7.28 -8.77
N GLN B 464 26.22 -7.77 -8.32
CA GLN B 464 26.43 -9.19 -8.05
C GLN B 464 27.38 -9.31 -6.87
N PRO B 465 27.38 -10.43 -6.16
CA PRO B 465 28.39 -10.65 -5.13
C PRO B 465 29.74 -10.96 -5.75
N GLU B 466 30.81 -10.63 -5.01
CA GLU B 466 32.15 -10.95 -5.46
C GLU B 466 32.33 -12.47 -5.57
N LYS B 467 32.14 -13.18 -4.47
CA LYS B 467 32.15 -14.63 -4.47
C LYS B 467 30.73 -15.16 -4.56
N PRO B 468 30.51 -16.29 -5.25
CA PRO B 468 29.15 -16.81 -5.41
C PRO B 468 28.52 -17.15 -4.07
N VAL B 469 27.20 -17.04 -4.02
CA VAL B 469 26.44 -17.30 -2.80
C VAL B 469 26.30 -18.80 -2.63
N VAL B 470 26.94 -19.35 -1.61
CA VAL B 470 26.88 -20.76 -1.28
C VAL B 470 26.38 -20.91 0.15
N LEU B 471 25.44 -21.84 0.35
CA LEU B 471 24.84 -22.06 1.66
C LEU B 471 24.58 -23.55 1.86
N LYS B 472 24.40 -23.93 3.11
CA LYS B 472 24.07 -25.31 3.46
C LYS B 472 22.56 -25.51 3.43
N VAL B 473 22.14 -26.67 2.95
CA VAL B 473 20.73 -27.02 2.82
C VAL B 473 20.45 -28.21 3.73
N GLU B 474 19.49 -28.06 4.62
CA GLU B 474 19.08 -29.13 5.53
C GLU B 474 17.61 -29.44 5.30
N SER B 475 17.29 -30.72 5.14
CA SER B 475 15.91 -31.13 4.88
C SER B 475 15.06 -30.95 6.14
N ARG B 476 13.74 -31.05 5.94
CA ARG B 476 12.79 -30.90 7.04
C ARG B 476 11.93 -32.15 7.18
CHA HEM C . -14.22 0.32 8.39
CHB HEM C . -13.10 3.51 11.89
CHC HEM C . -13.14 7.09 8.62
CHD HEM C . -14.17 3.90 5.11
C1A HEM C . -13.89 0.86 9.62
C2A HEM C . -13.69 0.13 10.85
C3A HEM C . -13.38 1.00 11.81
C4A HEM C . -13.37 2.33 11.23
CMA HEM C . -13.09 0.66 13.29
CAA HEM C . -13.82 -1.40 11.01
CBA HEM C . -12.44 -2.04 11.05
CGA HEM C . -12.56 -3.51 11.36
O1A HEM C . -11.51 -4.17 11.53
O2A HEM C . -13.72 -4.01 11.45
C1B HEM C . -12.98 4.76 11.31
C2B HEM C . -12.60 5.98 11.99
C3B HEM C . -12.61 6.98 11.08
C4B HEM C . -13.00 6.41 9.80
CMB HEM C . -12.26 6.04 13.49
CAB HEM C . -12.29 8.49 11.26
CBB HEM C . -11.88 9.06 12.39
C1C HEM C . -13.33 6.54 7.37
C2C HEM C . -13.14 7.20 6.10
C3C HEM C . -13.42 6.34 5.12
C4C HEM C . -13.79 5.08 5.73
CMC HEM C . -12.69 8.67 5.90
CAC HEM C . -13.33 6.69 3.61
CBC HEM C . -13.61 5.81 2.64
C1D HEM C . -14.29 2.66 5.69
C2D HEM C . -14.65 1.43 5.01
C3D HEM C . -14.67 0.45 5.91
C4D HEM C . -14.31 1.01 7.20
CMD HEM C . -14.97 1.29 3.51
CAD HEM C . -14.99 -1.03 5.64
CBD HEM C . -13.73 -1.72 5.12
CGD HEM C . -14.04 -3.15 4.75
O1D HEM C . -13.16 -3.80 4.13
O2D HEM C . -15.15 -3.63 5.07
NA HEM C . -13.68 2.20 9.88
NB HEM C . -13.22 5.05 9.98
NC HEM C . -13.73 5.24 7.12
ND HEM C . -14.09 2.36 7.02
FE HEM C . -13.68 3.72 8.50
C10 X5Y D . -23.07 -2.75 9.80
C02 X5Y D . -25.60 -0.55 13.36
C03 X5Y D . -26.57 -1.73 13.52
C04 X5Y D . -25.86 0.50 14.42
C06 X5Y D . -23.25 -0.77 12.56
C09 X5Y D . -22.02 -1.90 10.61
C12 X5Y D . -23.36 -0.15 8.14
C13 X5Y D . -24.70 0.51 7.72
C01 X5Y D . -25.94 0.12 12.00
C14 X5Y D . -24.63 1.89 7.08
C15 X5Y D . -24.68 3.08 7.84
C16 X5Y D . -24.61 4.34 7.22
C17 X5Y D . -24.50 4.46 5.84
C18 X5Y D . -24.45 3.29 5.09
C19 X5Y D . -24.52 2.05 5.71
C20 X5Y D . -22.18 0.22 7.21
C23 X5Y D . -20.36 1.87 6.49
C24 X5Y D . -20.04 3.39 6.70
C25 X5Y D . -18.56 3.78 6.55
C26 X5Y D . -17.81 4.03 7.86
C27 X5Y D . -16.42 3.96 7.93
C29 X5Y D . -16.31 4.47 10.19
C30 X5Y D . -17.70 4.57 10.25
C31 X5Y D . -18.44 4.34 9.07
C32 X5Y D . -20.60 -2.55 10.47
C33 X5Y D . -19.41 -1.59 10.37
C34 X5Y D . -18.66 -1.45 9.20
C35 X5Y D . -17.58 -0.56 9.13
C36 X5Y D . -17.23 0.21 10.22
C37 X5Y D . -17.96 0.09 11.39
C38 X5Y D . -19.03 -0.80 11.46
N08 X5Y D . -22.50 -1.82 12.02
N22 X5Y D . -21.50 1.42 7.34
N28 X5Y D . -15.67 4.17 9.04
O05 X5Y D . -24.27 -1.04 13.48
O07 X5Y D . -22.87 0.40 12.47
O21 X5Y D . -21.82 -0.57 6.31
S11 X5Y D . -23.50 -2.03 8.13
CHA HEM E . 12.61 -2.42 -16.79
CHB HEM E . 13.86 -3.97 -12.36
CHC HEM E . 12.65 -8.50 -13.61
CHD HEM E . 11.32 -6.95 -18.01
C1A HEM E . 13.05 -2.44 -15.48
C2A HEM E . 13.50 -1.29 -14.71
C3A HEM E . 13.84 -1.72 -13.50
C4A HEM E . 13.63 -3.15 -13.44
CMA HEM E . 14.38 -0.86 -12.33
CAA HEM E . 13.57 0.17 -15.23
CBA HEM E . 12.44 1.00 -14.64
CGA HEM E . 12.65 2.45 -14.96
O1A HEM E . 11.88 3.30 -14.44
O2A HEM E . 13.60 2.75 -15.73
C1B HEM E . 13.60 -5.33 -12.29
C2B HEM E . 13.75 -6.17 -11.12
C3B HEM E . 13.42 -7.42 -11.46
C4B HEM E . 13.05 -7.41 -12.87
CMB HEM E . 14.21 -5.63 -9.75
CAB HEM E . 13.39 -8.72 -10.60
CBB HEM E . 13.68 -8.78 -9.30
C1C HEM E . 12.13 -8.48 -14.88
C2C HEM E . 11.50 -9.58 -15.57
C3C HEM E . 11.13 -9.17 -16.78
C4C HEM E . 11.52 -7.77 -16.92
CMC HEM E . 11.29 -11.00 -14.99
CAC HEM E . 10.42 -10.09 -17.82
CBC HEM E . 10.07 -9.66 -19.04
C1D HEM E . 11.62 -5.61 -18.09
C2D HEM E . 11.61 -4.78 -19.28
C3D HEM E . 11.96 -3.54 -18.96
C4D HEM E . 12.22 -3.52 -17.53
CMD HEM E . 11.24 -5.28 -20.71
CAD HEM E . 12.08 -2.34 -19.91
CBD HEM E . 10.72 -1.64 -19.97
CGD HEM E . 10.78 -0.46 -20.92
O1D HEM E . 9.71 0.12 -21.21
O2D HEM E . 11.90 -0.14 -21.39
NA HEM E . 13.14 -3.56 -14.68
NB HEM E . 13.18 -6.12 -13.34
NC HEM E . 12.12 -7.39 -15.74
ND HEM E . 12.00 -4.79 -17.03
FE HEM E . 12.60 -5.47 -15.20
C10 X5Y F . 20.76 -0.14 -21.42
C02 X5Y F . 25.49 -0.71 -19.02
C03 X5Y F . 26.21 -1.84 -19.76
C04 X5Y F . 26.36 0.53 -18.94
C06 X5Y F . 23.08 -1.10 -19.55
C09 X5Y F . 20.59 -0.58 -19.91
C12 X5Y F . 20.60 -3.22 -21.83
C13 X5Y F . 21.59 -4.14 -22.59
C01 X5Y F . 25.27 -1.19 -17.56
C14 X5Y F . 21.26 -5.63 -22.58
C15 X5Y F . 21.61 -6.49 -21.52
C16 X5Y F . 21.29 -7.86 -21.55
C17 X5Y F . 20.61 -8.41 -22.64
C18 X5Y F . 20.26 -7.57 -23.69
C19 X5Y F . 20.58 -6.22 -23.65
C20 X5Y F . 19.16 -3.76 -21.78
C23 X5Y F . 17.36 -5.19 -20.64
C24 X5Y F . 17.32 -6.41 -19.67
C25 X5Y F . 15.98 -6.63 -18.92
C26 X5Y F . 16.01 -6.32 -17.44
C27 X5Y F . 14.83 -6.02 -16.72
C29 X5Y F . 15.92 -5.72 -14.69
C30 X5Y F . 17.15 -6.00 -15.29
C31 X5Y F . 17.18 -6.29 -16.66
C32 X5Y F . 19.42 0.22 -19.25
C33 X5Y F . 18.54 -0.56 -18.27
C34 X5Y F . 17.19 -0.81 -18.52
C35 X5Y F . 16.39 -1.53 -17.61
C36 X5Y F . 16.92 -2.01 -16.43
C37 X5Y F . 18.27 -1.78 -16.17
C38 X5Y F . 19.06 -1.06 -17.08
N08 X5Y F . 21.91 -0.40 -19.23
N22 X5Y F . 18.73 -4.61 -20.77
N28 X5Y F . 14.77 -5.73 -15.40
O05 X5Y F . 24.27 -0.40 -19.73
O07 X5Y F . 23.06 -2.28 -19.91
O21 X5Y F . 18.34 -3.45 -22.66
S11 X5Y F . 20.52 -1.51 -22.65
#